data_7TOW
#
_entry.id   7TOW
#
_cell.length_a   53.916
_cell.length_b   76.788
_cell.length_c   119.786
_cell.angle_alpha   90.000
_cell.angle_beta   100.854
_cell.angle_gamma   90.000
#
_symmetry.space_group_name_H-M   'P 1 21 1'
#
loop_
_entity.id
_entity.type
_entity.pdbx_description
1 polymer 'DH1058 Fab heavy chain'
2 polymer 'DH1058 Fab Light chain'
3 polymer 'Spike protein S2'
4 non-polymer 'CALCIUM ION'
5 non-polymer 'PHOSPHATE ION'
6 water water
#
loop_
_entity_poly.entity_id
_entity_poly.type
_entity_poly.pdbx_seq_one_letter_code
_entity_poly.pdbx_strand_id
1 'polypeptide(L)'
;QVQLVQSGGGVVQPGRSLRLSCAASGFNFGDFGMHWVRQAPGKGLEWVAVISYEGRNKNHADSVRGRFTISRDNSRNMLY
LQMNSLRRGDTAVYYCAKENRDRNYDSWSASYSDYYYGMDVWGQGTTVTVSSASTKGPSVFPLAPSSKSTSGGTAALGCL
VKDYFPEPVTVSWNSGALTSGVHTFPAVLQSSGLYSLSSVVTVPSSSLGTQTYICNVNHKPSNTKVDKKVEPKSCDK
;
H,A
2 'polypeptide(L)'
;DIVMTQSPSFLSASVGDRVTITCRASQGIDRYLAWYQQKPGSAPKLLIYAASTLQSGVPSRFSGSGSETDFTLTISSLQP
DDFATYYCQQLSTYPTITFGQGTRLEIKRTVAAPSVFIFPPSDEQLKSGTASVVCLLNNFYPREAKVQWKVDNALQSGNS
QESVTEQDSKDSTYSLSSTLTLSKADYEKHKVYACEVTHQGLSSPVTKSFNRGEC
;
L,B
3 'polypeptide(L)' DPSKPSKRSFIEDLLFNKVTLADAGF E,D
#
loop_
_chem_comp.id
_chem_comp.type
_chem_comp.name
_chem_comp.formula
CA non-polymer 'CALCIUM ION' 'Ca 2'
PO4 non-polymer 'PHOSPHATE ION' 'O4 P -3'
#
# COMPACT_ATOMS: atom_id res chain seq x y z
N GLN A 1 19.34 -6.43 -41.86
CA GLN A 1 19.69 -7.85 -41.87
C GLN A 1 20.43 -8.25 -40.58
N VAL A 2 21.10 -7.28 -39.97
CA VAL A 2 21.59 -7.44 -38.60
C VAL A 2 20.39 -7.44 -37.66
N GLN A 3 20.22 -8.52 -36.89
CA GLN A 3 18.97 -8.64 -36.15
C GLN A 3 19.14 -9.58 -34.96
N LEU A 4 18.36 -9.32 -33.92
CA LEU A 4 18.24 -10.19 -32.76
C LEU A 4 16.76 -10.53 -32.59
N VAL A 5 16.45 -11.82 -32.49
CA VAL A 5 15.07 -12.29 -32.33
C VAL A 5 14.97 -13.06 -31.02
N GLN A 6 14.16 -12.56 -30.10
CA GLN A 6 14.02 -13.14 -28.78
C GLN A 6 12.84 -14.12 -28.71
N SER A 7 12.91 -15.04 -27.75
CA SER A 7 11.77 -15.91 -27.44
C SER A 7 11.92 -16.37 -26.00
N GLY A 8 10.81 -16.86 -25.43
CA GLY A 8 10.82 -17.65 -24.20
C GLY A 8 10.36 -17.05 -22.84
N GLY A 9 9.61 -15.95 -22.83
CA GLY A 9 9.19 -15.32 -21.57
C GLY A 9 7.91 -15.92 -21.01
N GLY A 10 7.12 -15.07 -20.36
CA GLY A 10 5.79 -15.48 -19.90
C GLY A 10 5.57 -15.28 -18.41
N VAL A 11 4.54 -15.95 -17.86
CA VAL A 11 4.22 -15.86 -16.43
C VAL A 11 4.95 -16.98 -15.68
N VAL A 12 5.56 -16.64 -14.53
CA VAL A 12 6.15 -17.64 -13.63
C VAL A 12 5.92 -17.20 -12.19
N GLN A 13 5.86 -18.20 -11.30
CA GLN A 13 5.67 -17.98 -9.88
C GLN A 13 6.99 -17.61 -9.22
N PRO A 14 6.94 -16.83 -8.13
CA PRO A 14 8.17 -16.50 -7.40
C PRO A 14 8.93 -17.76 -6.99
N GLY A 15 10.26 -17.64 -6.93
CA GLY A 15 11.11 -18.76 -6.61
C GLY A 15 11.45 -19.64 -7.79
N ARG A 16 10.57 -19.72 -8.78
CA ARG A 16 10.79 -20.58 -9.94
C ARG A 16 11.77 -19.94 -10.91
N SER A 17 11.87 -20.47 -12.12
CA SER A 17 12.94 -20.03 -13.01
C SER A 17 12.48 -20.07 -14.46
N LEU A 18 13.23 -19.36 -15.29
CA LEU A 18 12.93 -19.21 -16.71
C LEU A 18 14.24 -19.01 -17.46
N ARG A 19 14.26 -19.38 -18.74
CA ARG A 19 15.43 -19.13 -19.55
C ARG A 19 14.99 -18.35 -20.80
N LEU A 20 15.60 -17.21 -21.02
CA LEU A 20 15.30 -16.39 -22.20
C LEU A 20 16.30 -16.68 -23.30
N SER A 21 15.80 -16.69 -24.54
CA SER A 21 16.63 -16.92 -25.71
C SER A 21 16.65 -15.69 -26.60
N CYS A 22 17.72 -15.57 -27.36
CA CYS A 22 17.93 -14.43 -28.26
C CYS A 22 18.78 -14.94 -29.42
N ALA A 23 18.19 -15.09 -30.61
CA ALA A 23 18.87 -15.61 -31.79
C ALA A 23 19.40 -14.46 -32.63
N ALA A 24 20.70 -14.46 -32.88
CA ALA A 24 21.32 -13.43 -33.69
C ALA A 24 21.54 -13.93 -35.11
N SER A 25 21.58 -13.00 -36.05
CA SER A 25 21.95 -13.31 -37.43
C SER A 25 22.32 -12.00 -38.11
N GLY A 26 22.95 -12.12 -39.28
CA GLY A 26 23.36 -10.98 -40.05
C GLY A 26 24.67 -10.37 -39.64
N PHE A 27 25.32 -10.88 -38.59
CA PHE A 27 26.63 -10.37 -38.22
C PHE A 27 27.40 -11.52 -37.59
N ASN A 28 28.72 -11.34 -37.47
CA ASN A 28 29.54 -12.34 -36.82
C ASN A 28 29.29 -12.29 -35.32
N PHE A 29 28.35 -13.13 -34.86
CA PHE A 29 27.92 -13.16 -33.47
C PHE A 29 29.11 -13.30 -32.51
N GLY A 30 30.03 -14.20 -32.80
CA GLY A 30 31.13 -14.45 -31.89
C GLY A 30 32.22 -13.41 -31.86
N ASP A 31 32.04 -12.29 -32.56
CA ASP A 31 33.00 -11.22 -32.59
C ASP A 31 32.67 -10.10 -31.61
N PHE A 32 31.53 -10.21 -30.90
CA PHE A 32 30.95 -9.12 -30.12
C PHE A 32 30.48 -9.59 -28.77
N GLY A 33 30.71 -8.76 -27.75
CA GLY A 33 29.98 -8.92 -26.51
C GLY A 33 28.50 -8.68 -26.69
N MET A 34 27.70 -9.27 -25.77
CA MET A 34 26.25 -9.18 -25.83
C MET A 34 25.72 -8.85 -24.44
N HIS A 35 24.58 -8.15 -24.39
CA HIS A 35 24.02 -7.63 -23.15
C HIS A 35 22.57 -8.03 -22.97
N TRP A 36 22.12 -8.01 -21.72
CA TRP A 36 20.69 -8.01 -21.39
C TRP A 36 20.38 -6.73 -20.63
N VAL A 37 19.23 -6.15 -20.95
CA VAL A 37 18.68 -4.93 -20.34
C VAL A 37 17.20 -5.18 -20.09
N ARG A 38 16.65 -4.66 -18.99
CA ARG A 38 15.24 -4.88 -18.72
C ARG A 38 14.56 -3.57 -18.35
N GLN A 39 13.24 -3.59 -18.42
CA GLN A 39 12.43 -2.38 -18.19
C GLN A 39 11.12 -2.80 -17.51
N ALA A 40 11.02 -2.53 -16.21
CA ALA A 40 9.80 -2.85 -15.47
C ALA A 40 8.67 -1.92 -15.92
N PRO A 41 7.38 -2.41 -15.87
CA PRO A 41 6.26 -1.62 -16.39
C PRO A 41 6.26 -0.17 -15.91
N GLY A 42 6.24 0.77 -16.85
CA GLY A 42 6.21 2.18 -16.50
C GLY A 42 7.51 2.74 -15.98
N LYS A 43 8.62 2.00 -16.04
CA LYS A 43 9.87 2.44 -15.42
C LYS A 43 10.97 2.56 -16.47
N GLY A 44 12.17 2.90 -16.01
CA GLY A 44 13.29 3.16 -16.90
C GLY A 44 14.07 1.90 -17.22
N LEU A 45 15.06 2.06 -18.09
CA LEU A 45 15.93 0.95 -18.47
C LEU A 45 16.91 0.63 -17.36
N GLU A 46 17.10 -0.67 -17.10
CA GLU A 46 18.05 -1.13 -16.10
C GLU A 46 18.95 -2.18 -16.74
N TRP A 47 20.25 -1.95 -16.73
CA TRP A 47 21.19 -2.91 -17.30
C TRP A 47 21.23 -4.17 -16.44
N VAL A 48 21.36 -5.32 -17.07
CA VAL A 48 21.24 -6.61 -16.39
C VAL A 48 22.55 -7.39 -16.44
N ALA A 49 23.12 -7.60 -17.64
CA ALA A 49 24.31 -8.46 -17.73
C ALA A 49 25.03 -8.24 -19.06
N VAL A 50 26.31 -8.66 -19.08
CA VAL A 50 27.14 -8.62 -20.28
C VAL A 50 27.95 -9.91 -20.34
N ILE A 51 28.24 -10.38 -21.55
CA ILE A 51 29.09 -11.55 -21.76
C ILE A 51 30.05 -11.25 -22.91
N SER A 52 31.32 -11.66 -22.74
CA SER A 52 32.35 -11.37 -23.73
C SER A 52 32.18 -12.24 -24.98
N TYR A 53 32.88 -11.86 -26.06
CA TYR A 53 32.65 -12.47 -27.37
C TYR A 53 32.66 -14.00 -27.35
N GLU A 54 33.51 -14.63 -26.54
CA GLU A 54 33.58 -16.09 -26.52
C GLU A 54 33.10 -16.70 -25.20
N GLY A 55 32.29 -15.98 -24.42
CA GLY A 55 31.70 -16.55 -23.22
C GLY A 55 32.62 -16.72 -22.02
N ARG A 56 33.92 -16.39 -22.16
CA ARG A 56 34.84 -16.60 -21.04
C ARG A 56 34.59 -15.61 -19.90
N ASN A 57 34.23 -14.37 -20.23
CA ASN A 57 34.05 -13.35 -19.20
C ASN A 57 32.61 -12.86 -19.19
N LYS A 58 32.15 -12.46 -18.01
CA LYS A 58 30.76 -12.04 -17.87
C LYS A 58 30.61 -11.22 -16.59
N ASN A 59 29.55 -10.44 -16.55
CA ASN A 59 29.28 -9.62 -15.39
C ASN A 59 27.78 -9.41 -15.33
N HIS A 60 27.25 -9.33 -14.12
CA HIS A 60 25.83 -9.14 -13.89
C HIS A 60 25.65 -7.95 -12.94
N ALA A 61 24.52 -7.27 -13.06
CA ALA A 61 24.26 -6.16 -12.14
C ALA A 61 23.97 -6.70 -10.75
N ASP A 62 24.22 -5.85 -9.74
CA ASP A 62 24.04 -6.28 -8.34
C ASP A 62 22.62 -6.76 -8.07
N SER A 63 21.62 -6.16 -8.73
CA SER A 63 20.24 -6.53 -8.47
C SER A 63 19.91 -7.97 -8.87
N VAL A 64 20.76 -8.63 -9.67
CA VAL A 64 20.50 -9.98 -10.13
C VAL A 64 21.68 -10.93 -9.93
N ARG A 65 22.79 -10.44 -9.37
N ARG A 65 22.79 -10.45 -9.37
CA ARG A 65 23.97 -11.29 -9.17
CA ARG A 65 23.97 -11.30 -9.19
C ARG A 65 23.60 -12.49 -8.29
C ARG A 65 23.65 -12.48 -8.28
N GLY A 66 24.01 -13.68 -8.73
CA GLY A 66 23.72 -14.89 -8.00
C GLY A 66 22.38 -15.52 -8.33
N ARG A 67 21.53 -14.83 -9.09
CA ARG A 67 20.26 -15.42 -9.51
C ARG A 67 20.18 -15.60 -11.02
N PHE A 68 20.67 -14.62 -11.78
CA PHE A 68 20.65 -14.66 -13.23
C PHE A 68 22.04 -14.97 -13.76
N THR A 69 22.12 -15.80 -14.81
CA THR A 69 23.39 -16.13 -15.44
C THR A 69 23.26 -15.91 -16.93
N ILE A 70 24.11 -15.04 -17.48
CA ILE A 70 24.19 -14.84 -18.91
C ILE A 70 25.06 -15.93 -19.50
N SER A 71 24.71 -16.40 -20.70
CA SER A 71 25.56 -17.37 -21.40
C SER A 71 25.26 -17.28 -22.88
N ARG A 72 26.14 -17.90 -23.68
CA ARG A 72 26.00 -17.84 -25.13
C ARG A 72 26.49 -19.13 -25.76
N ASP A 73 25.93 -19.45 -26.93
CA ASP A 73 26.35 -20.62 -27.72
C ASP A 73 26.67 -20.09 -29.11
N ASN A 74 27.95 -19.80 -29.37
CA ASN A 74 28.29 -19.17 -30.65
C ASN A 74 28.11 -20.12 -31.83
N SER A 75 28.16 -21.44 -31.63
CA SER A 75 27.92 -22.34 -32.76
C SER A 75 26.49 -22.27 -33.26
N ARG A 76 25.55 -21.77 -32.44
CA ARG A 76 24.16 -21.64 -32.83
C ARG A 76 23.65 -20.20 -32.80
N ASN A 77 24.56 -19.22 -32.71
CA ASN A 77 24.20 -17.79 -32.74
C ASN A 77 23.20 -17.42 -31.65
N MET A 78 23.30 -18.05 -30.48
CA MET A 78 22.30 -17.90 -29.43
C MET A 78 22.89 -17.19 -28.21
N LEU A 79 22.11 -16.27 -27.64
CA LEU A 79 22.39 -15.68 -26.33
C LEU A 79 21.30 -16.14 -25.37
N TYR A 80 21.68 -16.41 -24.12
CA TYR A 80 20.73 -16.86 -23.11
C TYR A 80 20.82 -16.01 -21.86
N LEU A 81 19.69 -15.91 -21.15
CA LEU A 81 19.70 -15.45 -19.76
C LEU A 81 18.95 -16.48 -18.92
N GLN A 82 19.67 -17.12 -18.00
CA GLN A 82 19.08 -18.06 -17.06
C GLN A 82 18.64 -17.27 -15.82
N MET A 83 17.33 -17.24 -15.56
CA MET A 83 16.77 -16.42 -14.50
C MET A 83 16.22 -17.36 -13.43
N ASN A 84 16.92 -17.44 -12.30
CA ASN A 84 16.47 -18.26 -11.17
C ASN A 84 16.05 -17.37 -10.00
N SER A 85 15.41 -17.99 -9.00
CA SER A 85 14.97 -17.30 -7.79
C SER A 85 14.20 -16.04 -8.13
N LEU A 86 13.20 -16.19 -8.99
CA LEU A 86 12.50 -15.03 -9.55
C LEU A 86 11.64 -14.36 -8.50
N ARG A 87 11.69 -13.02 -8.47
CA ARG A 87 10.92 -12.17 -7.58
C ARG A 87 9.97 -11.29 -8.37
N ARG A 88 8.92 -10.79 -7.69
CA ARG A 88 7.97 -9.93 -8.38
C ARG A 88 8.64 -8.70 -8.98
N GLY A 89 9.70 -8.22 -8.34
CA GLY A 89 10.50 -7.15 -8.88
C GLY A 89 11.22 -7.50 -10.18
N ASP A 90 11.28 -8.77 -10.55
CA ASP A 90 11.90 -9.11 -11.83
C ASP A 90 10.91 -9.05 -12.99
N THR A 91 9.65 -8.69 -12.72
CA THR A 91 8.68 -8.46 -13.78
C THR A 91 9.14 -7.31 -14.68
N ALA A 92 9.37 -7.60 -15.96
CA ALA A 92 9.83 -6.57 -16.87
C ALA A 92 9.79 -7.10 -18.28
N VAL A 93 9.98 -6.18 -19.24
CA VAL A 93 10.35 -6.56 -20.59
C VAL A 93 11.87 -6.68 -20.64
N TYR A 94 12.36 -7.81 -21.14
CA TYR A 94 13.78 -8.07 -21.23
C TYR A 94 14.20 -7.96 -22.69
N TYR A 95 15.30 -7.22 -22.92
CA TYR A 95 15.86 -7.01 -24.25
C TYR A 95 17.28 -7.56 -24.27
N CYS A 96 17.61 -8.33 -25.30
CA CYS A 96 19.02 -8.55 -25.62
C CYS A 96 19.52 -7.44 -26.54
N ALA A 97 20.82 -7.14 -26.46
CA ALA A 97 21.41 -6.08 -27.27
C ALA A 97 22.85 -6.41 -27.62
N LYS A 98 23.20 -6.16 -28.87
CA LYS A 98 24.57 -6.31 -29.36
C LYS A 98 25.43 -5.11 -28.97
N GLU A 99 26.69 -5.37 -28.64
CA GLU A 99 27.62 -4.27 -28.38
C GLU A 99 27.96 -3.51 -29.66
N ASN A 100 27.85 -2.19 -29.60
CA ASN A 100 28.20 -1.31 -30.71
C ASN A 100 29.72 -1.22 -30.85
N ARG A 101 30.20 -1.24 -32.09
CA ARG A 101 31.60 -1.01 -32.42
C ARG A 101 31.74 0.38 -33.05
N ASP A 102 32.69 1.16 -32.57
CA ASP A 102 32.95 2.48 -33.14
C ASP A 102 33.09 2.40 -34.66
N ARG A 103 32.39 3.29 -35.35
CA ARG A 103 32.27 3.24 -36.81
C ARG A 103 33.63 3.24 -37.50
N ASN A 104 34.63 3.91 -36.93
CA ASN A 104 35.92 4.07 -37.60
C ASN A 104 36.78 2.80 -37.59
N TYR A 105 36.29 1.68 -37.05
CA TYR A 105 37.06 0.45 -36.97
C TYR A 105 36.20 -0.68 -37.49
N ASP A 106 36.70 -1.39 -38.49
CA ASP A 106 35.97 -2.53 -39.04
C ASP A 106 36.22 -3.81 -38.26
N SER A 107 37.32 -3.90 -37.54
CA SER A 107 37.62 -5.06 -36.71
C SER A 107 37.86 -4.63 -35.28
N TRP A 108 37.82 -5.62 -34.38
CA TRP A 108 38.12 -5.38 -32.97
C TRP A 108 39.42 -4.61 -32.79
N SER A 109 39.34 -3.52 -32.04
CA SER A 109 40.51 -2.70 -31.71
C SER A 109 40.52 -2.34 -30.24
N ALA A 110 40.27 -3.34 -29.39
CA ALA A 110 40.20 -3.16 -27.94
C ALA A 110 39.30 -1.98 -27.58
N SER A 111 39.69 -1.17 -26.58
CA SER A 111 38.80 -0.11 -26.08
C SER A 111 38.64 1.04 -27.07
N TYR A 112 39.42 1.05 -28.15
CA TYR A 112 39.19 2.01 -29.22
C TYR A 112 37.90 1.72 -29.97
N SER A 113 37.56 0.46 -30.14
CA SER A 113 36.43 0.11 -30.98
C SER A 113 35.25 -0.46 -30.21
N ASP A 114 35.49 -1.19 -29.13
CA ASP A 114 34.48 -1.98 -28.46
C ASP A 114 34.25 -1.49 -27.02
N TYR A 115 33.18 -2.03 -26.41
CA TYR A 115 32.89 -1.95 -24.98
C TYR A 115 32.26 -0.62 -24.56
N TYR A 116 32.77 0.49 -25.08
CA TYR A 116 32.48 1.80 -24.49
C TYR A 116 31.49 2.62 -25.31
N TYR A 117 30.88 2.03 -26.34
CA TYR A 117 30.22 2.81 -27.37
C TYR A 117 28.77 2.42 -27.52
N GLY A 118 28.18 1.94 -26.42
CA GLY A 118 26.77 1.61 -26.40
C GLY A 118 26.43 0.31 -27.10
N MET A 119 25.16 0.20 -27.47
CA MET A 119 24.58 -1.02 -28.02
C MET A 119 23.78 -0.66 -29.26
N ASP A 120 24.15 -1.20 -30.42
CA ASP A 120 23.54 -0.69 -31.64
C ASP A 120 22.29 -1.46 -32.04
N VAL A 121 22.23 -2.78 -31.91
CA VAL A 121 21.05 -3.52 -32.31
C VAL A 121 20.46 -4.25 -31.12
N TRP A 122 19.12 -4.28 -31.07
CA TRP A 122 18.32 -4.74 -29.95
C TRP A 122 17.30 -5.77 -30.43
N GLY A 123 17.03 -6.76 -29.59
CA GLY A 123 15.89 -7.62 -29.79
C GLY A 123 14.58 -6.88 -29.60
N GLN A 124 13.48 -7.59 -29.92
CA GLN A 124 12.13 -7.02 -29.79
C GLN A 124 11.63 -7.00 -28.34
N GLY A 125 12.34 -7.61 -27.39
CA GLY A 125 11.87 -7.64 -26.02
C GLY A 125 11.01 -8.84 -25.67
N THR A 126 11.15 -9.38 -24.46
CA THR A 126 10.28 -10.46 -23.99
C THR A 126 9.72 -10.10 -22.63
N THR A 127 8.40 -10.27 -22.50
CA THR A 127 7.72 -9.97 -21.25
C THR A 127 7.86 -11.13 -20.28
N VAL A 128 8.30 -10.83 -19.06
CA VAL A 128 8.34 -11.80 -17.97
C VAL A 128 7.51 -11.23 -16.83
N THR A 129 6.50 -11.98 -16.39
CA THR A 129 5.61 -11.57 -15.31
C THR A 129 5.81 -12.55 -14.16
N VAL A 130 6.34 -12.08 -13.04
CA VAL A 130 6.55 -12.95 -11.89
C VAL A 130 5.44 -12.67 -10.89
N SER A 131 4.62 -13.68 -10.62
CA SER A 131 3.42 -13.46 -9.82
C SER A 131 2.92 -14.77 -9.24
N SER A 132 2.35 -14.68 -8.03
CA SER A 132 1.59 -15.77 -7.43
C SER A 132 0.23 -15.96 -8.07
N ALA A 133 -0.34 -14.93 -8.69
CA ALA A 133 -1.72 -15.00 -9.19
C ALA A 133 -1.86 -16.08 -10.25
N SER A 134 -3.05 -16.67 -10.32
CA SER A 134 -3.38 -17.62 -11.37
C SER A 134 -4.35 -17.00 -12.36
N THR A 135 -4.39 -17.56 -13.56
CA THR A 135 -5.25 -17.07 -14.64
C THR A 135 -6.68 -16.92 -14.17
N LYS A 136 -7.24 -15.74 -14.42
CA LYS A 136 -8.59 -15.41 -13.99
C LYS A 136 -9.15 -14.35 -14.94
N GLY A 137 -10.32 -14.62 -15.51
CA GLY A 137 -11.00 -13.66 -16.35
C GLY A 137 -11.59 -12.53 -15.53
N PRO A 138 -11.88 -11.40 -16.17
CA PRO A 138 -12.31 -10.22 -15.43
C PRO A 138 -13.81 -10.24 -15.14
N SER A 139 -14.18 -9.49 -14.10
CA SER A 139 -15.56 -9.04 -13.92
C SER A 139 -15.68 -7.67 -14.54
N VAL A 140 -16.85 -7.38 -15.13
CA VAL A 140 -17.05 -6.14 -15.88
C VAL A 140 -18.25 -5.43 -15.28
N PHE A 141 -18.05 -4.21 -14.81
CA PHE A 141 -19.11 -3.47 -14.16
C PHE A 141 -19.36 -2.15 -14.88
N PRO A 142 -20.61 -1.68 -14.91
CA PRO A 142 -20.90 -0.43 -15.61
C PRO A 142 -20.40 0.78 -14.86
N LEU A 143 -19.94 1.77 -15.62
CA LEU A 143 -19.76 3.13 -15.13
C LEU A 143 -20.93 3.91 -15.71
N ALA A 144 -22.03 3.93 -14.97
CA ALA A 144 -23.29 4.41 -15.52
C ALA A 144 -23.31 5.94 -15.57
N PRO A 145 -23.74 6.53 -16.68
CA PRO A 145 -23.72 8.00 -16.80
C PRO A 145 -24.69 8.65 -15.82
N SER A 146 -24.28 9.79 -15.27
CA SER A 146 -25.06 10.45 -14.24
C SER A 146 -26.36 11.03 -14.80
N SER A 147 -27.37 11.11 -13.92
CA SER A 147 -28.63 11.73 -14.29
C SER A 147 -28.48 13.24 -14.48
N LYS A 148 -27.52 13.86 -13.79
CA LYS A 148 -27.44 15.32 -13.75
C LYS A 148 -27.23 15.90 -15.14
N SER A 149 -28.17 16.75 -15.56
CA SER A 149 -28.16 17.39 -16.87
C SER A 149 -26.92 18.26 -17.06
N THR A 150 -25.94 18.12 -16.17
CA THR A 150 -24.71 18.91 -16.17
C THR A 150 -23.98 18.82 -17.50
N SER A 151 -22.93 19.64 -17.64
CA SER A 151 -22.25 19.87 -18.91
C SER A 151 -23.22 20.54 -19.88
N GLY A 152 -24.15 19.76 -20.44
CA GLY A 152 -24.94 20.23 -21.56
C GLY A 152 -24.36 19.71 -22.85
N GLY A 153 -24.94 18.64 -23.35
CA GLY A 153 -24.47 18.06 -24.58
C GLY A 153 -23.72 16.77 -24.37
N THR A 154 -22.75 16.76 -23.46
CA THR A 154 -21.79 15.65 -23.37
C THR A 154 -21.89 14.95 -22.02
N ALA A 155 -21.97 13.61 -22.08
CA ALA A 155 -21.96 12.75 -20.91
C ALA A 155 -20.84 11.73 -21.03
N ALA A 156 -20.40 11.21 -19.90
CA ALA A 156 -19.40 10.15 -19.89
C ALA A 156 -20.00 8.86 -19.36
N LEU A 157 -19.66 7.75 -20.01
CA LEU A 157 -19.98 6.43 -19.49
C LEU A 157 -18.79 5.51 -19.76
N GLY A 158 -18.85 4.30 -19.22
CA GLY A 158 -17.72 3.40 -19.38
C GLY A 158 -17.97 2.04 -18.75
N CYS A 159 -16.89 1.27 -18.66
CA CYS A 159 -16.88 -0.06 -18.08
C CYS A 159 -15.66 -0.22 -17.19
N LEU A 160 -15.89 -0.73 -15.97
CA LEU A 160 -14.82 -1.10 -15.07
C LEU A 160 -14.49 -2.58 -15.27
N VAL A 161 -13.24 -2.87 -15.58
CA VAL A 161 -12.79 -4.22 -15.92
C VAL A 161 -11.85 -4.64 -14.81
N LYS A 162 -12.36 -5.42 -13.84
CA LYS A 162 -11.67 -5.65 -12.58
C LYS A 162 -11.25 -7.10 -12.39
N ASP A 163 -10.08 -7.27 -11.76
CA ASP A 163 -9.62 -8.54 -11.19
C ASP A 163 -9.33 -9.63 -12.22
N TYR A 164 -8.48 -9.35 -13.20
CA TYR A 164 -8.10 -10.36 -14.18
C TYR A 164 -6.60 -10.60 -14.07
N PHE A 165 -6.18 -11.79 -14.53
CA PHE A 165 -4.78 -12.15 -14.56
C PHE A 165 -4.58 -13.17 -15.66
N PRO A 166 -3.53 -13.06 -16.48
CA PRO A 166 -2.60 -11.95 -16.59
C PRO A 166 -3.06 -10.92 -17.63
N GLU A 167 -2.26 -9.88 -17.86
CA GLU A 167 -2.47 -9.03 -19.03
C GLU A 167 -2.39 -9.86 -20.30
N PRO A 168 -3.00 -9.38 -21.41
CA PRO A 168 -3.82 -8.18 -21.56
C PRO A 168 -5.29 -8.50 -21.65
N VAL A 169 -6.09 -7.44 -21.62
CA VAL A 169 -7.49 -7.44 -22.00
C VAL A 169 -7.65 -6.51 -23.20
N THR A 170 -8.65 -6.77 -24.03
CA THR A 170 -9.05 -5.84 -25.07
C THR A 170 -10.49 -5.41 -24.82
N VAL A 171 -10.77 -4.13 -25.07
CA VAL A 171 -12.07 -3.53 -24.90
C VAL A 171 -12.45 -2.85 -26.21
N SER A 172 -13.67 -3.11 -26.69
CA SER A 172 -14.25 -2.29 -27.74
C SER A 172 -15.65 -1.88 -27.31
N TRP A 173 -16.26 -0.98 -28.07
CA TRP A 173 -17.59 -0.45 -27.79
C TRP A 173 -18.50 -0.64 -28.99
N ASN A 174 -19.70 -1.16 -28.72
CA ASN A 174 -20.71 -1.38 -29.77
C ASN A 174 -20.09 -2.17 -30.93
N SER A 175 -19.30 -3.19 -30.57
CA SER A 175 -18.62 -4.09 -31.51
C SER A 175 -17.82 -3.33 -32.56
N GLY A 176 -17.26 -2.18 -32.19
CA GLY A 176 -16.45 -1.41 -33.10
C GLY A 176 -17.13 -0.24 -33.77
N ALA A 177 -18.43 -0.06 -33.55
CA ALA A 177 -19.15 1.11 -34.07
C ALA A 177 -18.87 2.38 -33.30
N LEU A 178 -18.23 2.29 -32.12
CA LEU A 178 -17.93 3.45 -31.29
C LEU A 178 -16.43 3.49 -31.05
N THR A 179 -15.73 4.47 -31.61
CA THR A 179 -14.29 4.56 -31.46
C THR A 179 -13.89 5.97 -31.05
N SER A 180 -14.65 6.96 -31.51
CA SER A 180 -14.34 8.35 -31.26
C SER A 180 -14.58 8.72 -29.81
N GLY A 181 -13.58 9.32 -29.18
CA GLY A 181 -13.71 9.73 -27.79
C GLY A 181 -13.61 8.61 -26.79
N VAL A 182 -13.12 7.44 -27.21
CA VAL A 182 -12.90 6.30 -26.33
C VAL A 182 -11.52 6.44 -25.69
N HIS A 183 -11.46 6.30 -24.36
CA HIS A 183 -10.19 6.17 -23.66
C HIS A 183 -10.22 4.88 -22.86
N THR A 184 -9.24 4.02 -23.11
CA THR A 184 -9.06 2.78 -22.36
C THR A 184 -7.75 2.89 -21.61
N PHE A 185 -7.84 3.03 -20.28
CA PHE A 185 -6.67 3.36 -19.50
C PHE A 185 -5.72 2.15 -19.41
N PRO A 186 -4.42 2.40 -19.19
CA PRO A 186 -3.51 1.29 -18.87
C PRO A 186 -3.98 0.59 -17.63
N ALA A 187 -3.69 -0.71 -17.56
CA ALA A 187 -4.07 -1.48 -16.39
C ALA A 187 -3.22 -1.08 -15.20
N VAL A 188 -3.81 -1.14 -14.01
CA VAL A 188 -3.05 -1.04 -12.78
C VAL A 188 -3.02 -2.42 -12.15
N LEU A 189 -1.91 -2.71 -11.48
CA LEU A 189 -1.77 -3.95 -10.73
C LEU A 189 -2.24 -3.69 -9.31
N GLN A 190 -3.25 -4.44 -8.87
CA GLN A 190 -3.83 -4.20 -7.56
C GLN A 190 -3.08 -4.98 -6.49
N SER A 191 -3.31 -4.55 -5.24
CA SER A 191 -2.74 -5.20 -4.07
C SER A 191 -2.97 -6.71 -4.08
N SER A 192 -4.13 -7.15 -4.57
CA SER A 192 -4.44 -8.57 -4.67
C SER A 192 -3.54 -9.33 -5.65
N GLY A 193 -2.74 -8.64 -6.45
CA GLY A 193 -2.03 -9.29 -7.53
C GLY A 193 -2.81 -9.40 -8.82
N LEU A 194 -4.06 -8.90 -8.84
CA LEU A 194 -4.89 -8.91 -10.03
C LEU A 194 -4.95 -7.51 -10.66
N TYR A 195 -5.12 -7.48 -11.98
CA TYR A 195 -5.12 -6.22 -12.72
C TYR A 195 -6.54 -5.64 -12.81
N SER A 196 -6.60 -4.36 -13.14
CA SER A 196 -7.85 -3.62 -13.24
C SER A 196 -7.64 -2.44 -14.19
N LEU A 197 -8.68 -2.13 -14.98
CA LEU A 197 -8.68 -0.92 -15.78
C LEU A 197 -10.11 -0.51 -16.07
N SER A 198 -10.28 0.74 -16.45
CA SER A 198 -11.56 1.24 -16.95
C SER A 198 -11.38 1.68 -18.40
N SER A 199 -12.47 1.54 -19.15
CA SER A 199 -12.60 2.10 -20.48
C SER A 199 -13.76 3.08 -20.42
N VAL A 200 -13.53 4.32 -20.84
CA VAL A 200 -14.60 5.33 -20.82
C VAL A 200 -14.80 5.88 -22.22
N VAL A 201 -15.91 6.60 -22.39
CA VAL A 201 -16.24 7.21 -23.66
C VAL A 201 -17.19 8.36 -23.38
N THR A 202 -17.04 9.44 -24.16
CA THR A 202 -17.93 10.59 -24.07
C THR A 202 -18.87 10.56 -25.27
N VAL A 203 -20.16 10.72 -24.99
CA VAL A 203 -21.23 10.59 -25.97
C VAL A 203 -22.19 11.77 -25.78
N PRO A 204 -23.04 12.06 -26.77
CA PRO A 204 -24.04 13.11 -26.58
C PRO A 204 -24.96 12.76 -25.43
N SER A 205 -25.22 13.77 -24.58
CA SER A 205 -26.18 13.62 -23.49
C SER A 205 -27.51 13.05 -23.99
N SER A 206 -27.97 13.55 -25.14
CA SER A 206 -29.27 13.18 -25.69
C SER A 206 -29.32 11.71 -26.09
N SER A 207 -28.19 11.10 -26.36
CA SER A 207 -28.17 9.68 -26.69
C SER A 207 -28.38 8.79 -25.47
N LEU A 208 -28.41 9.35 -24.26
CA LEU A 208 -28.63 8.55 -23.06
C LEU A 208 -30.07 8.06 -23.01
N GLY A 209 -30.26 6.75 -22.89
CA GLY A 209 -31.58 6.16 -22.84
C GLY A 209 -32.29 6.05 -24.16
N THR A 210 -31.65 6.45 -25.27
CA THR A 210 -32.19 6.23 -26.61
C THR A 210 -31.27 5.42 -27.49
N GLN A 211 -29.97 5.38 -27.22
CA GLN A 211 -29.05 4.52 -27.96
C GLN A 211 -28.38 3.55 -26.98
N THR A 212 -28.03 2.37 -27.50
CA THR A 212 -27.45 1.33 -26.67
C THR A 212 -25.91 1.42 -26.67
N TYR A 213 -25.32 1.26 -25.48
CA TYR A 213 -23.87 1.26 -25.35
C TYR A 213 -23.45 -0.05 -24.70
N ILE A 214 -22.59 -0.80 -25.38
CA ILE A 214 -22.08 -2.10 -24.94
C ILE A 214 -20.55 -2.05 -25.02
N CYS A 215 -19.89 -2.39 -23.92
CA CYS A 215 -18.45 -2.59 -23.97
C CYS A 215 -18.19 -4.07 -24.17
N ASN A 216 -17.30 -4.38 -25.10
CA ASN A 216 -17.01 -5.76 -25.47
C ASN A 216 -15.63 -6.05 -24.92
N VAL A 217 -15.56 -6.92 -23.92
CA VAL A 217 -14.32 -7.21 -23.20
C VAL A 217 -13.90 -8.63 -23.55
N ASN A 218 -12.63 -8.81 -23.93
CA ASN A 218 -12.08 -10.12 -24.21
C ASN A 218 -10.79 -10.33 -23.44
N HIS A 219 -10.65 -11.50 -22.82
CA HIS A 219 -9.46 -11.88 -22.09
C HIS A 219 -9.04 -13.24 -22.65
N LYS A 220 -8.11 -13.20 -23.62
CA LYS A 220 -7.62 -14.44 -24.25
C LYS A 220 -7.04 -15.46 -23.27
N PRO A 221 -6.15 -15.11 -22.33
CA PRO A 221 -5.65 -16.14 -21.39
C PRO A 221 -6.74 -16.94 -20.70
N SER A 222 -7.89 -16.33 -20.41
CA SER A 222 -9.02 -16.96 -19.76
C SER A 222 -10.04 -17.51 -20.75
N ASN A 223 -9.91 -17.19 -22.03
CA ASN A 223 -10.99 -17.34 -22.99
C ASN A 223 -12.30 -16.78 -22.43
N THR A 224 -12.20 -15.62 -21.79
CA THR A 224 -13.36 -14.91 -21.26
C THR A 224 -13.80 -13.80 -22.23
N LYS A 225 -15.10 -13.82 -22.58
CA LYS A 225 -15.72 -12.80 -23.43
C LYS A 225 -16.95 -12.27 -22.72
N VAL A 226 -17.01 -10.95 -22.50
CA VAL A 226 -18.11 -10.32 -21.79
C VAL A 226 -18.64 -9.16 -22.64
N ASP A 227 -19.96 -9.06 -22.74
CA ASP A 227 -20.60 -7.91 -23.38
C ASP A 227 -21.49 -7.29 -22.32
N LYS A 228 -21.07 -6.15 -21.77
CA LYS A 228 -21.77 -5.52 -20.65
C LYS A 228 -22.50 -4.28 -21.15
N LYS A 229 -23.82 -4.29 -21.02
CA LYS A 229 -24.64 -3.13 -21.37
C LYS A 229 -24.47 -2.05 -20.31
N VAL A 230 -24.28 -0.81 -20.77
CA VAL A 230 -24.11 0.33 -19.87
C VAL A 230 -25.23 1.32 -20.12
N GLU A 231 -26.03 1.59 -19.10
CA GLU A 231 -27.24 2.38 -19.21
C GLU A 231 -27.40 3.22 -17.95
N PRO A 232 -28.16 4.32 -18.03
CA PRO A 232 -28.37 5.12 -16.82
C PRO A 232 -29.08 4.27 -15.78
N LYS A 233 -28.71 4.48 -14.51
CA LYS A 233 -29.29 3.72 -13.41
C LYS A 233 -30.69 4.26 -13.13
N SER A 234 -31.71 3.50 -13.53
CA SER A 234 -33.08 4.01 -13.40
C SER A 234 -33.48 4.11 -11.93
N CYS A 235 -33.93 5.29 -11.53
CA CYS A 235 -34.10 5.63 -10.12
C CYS A 235 -35.45 5.18 -9.58
N ASP A 236 -35.44 4.70 -8.33
CA ASP A 236 -36.64 4.25 -7.66
C ASP A 236 -37.45 5.44 -7.15
N ASP B 1 28.27 2.09 -7.31
N ASP B 1 28.51 2.18 -7.22
CA ASP B 1 28.20 2.25 -8.75
CA ASP B 1 28.49 2.36 -8.66
C ASP B 1 27.85 3.71 -9.12
C ASP B 1 28.20 3.81 -9.01
N ILE B 2 28.32 4.14 -10.29
CA ILE B 2 28.05 5.49 -10.77
C ILE B 2 26.55 5.67 -10.98
N VAL B 3 26.02 6.78 -10.48
CA VAL B 3 24.63 7.17 -10.65
C VAL B 3 24.54 8.23 -11.73
N MET B 4 23.67 8.02 -12.72
CA MET B 4 23.42 9.00 -13.76
C MET B 4 22.10 9.71 -13.47
N THR B 5 22.12 11.05 -13.42
CA THR B 5 20.93 11.85 -13.11
C THR B 5 20.57 12.69 -14.32
N GLN B 6 19.43 12.40 -14.93
CA GLN B 6 18.93 13.18 -16.05
C GLN B 6 18.03 14.30 -15.54
N SER B 7 18.03 15.42 -16.28
CA SER B 7 17.16 16.56 -16.02
C SER B 7 16.77 17.19 -17.35
N PRO B 8 15.51 17.63 -17.49
CA PRO B 8 14.45 17.42 -16.51
C PRO B 8 13.84 16.03 -16.65
N SER B 9 12.93 15.63 -15.75
CA SER B 9 12.29 14.32 -15.89
C SER B 9 11.26 14.33 -17.00
N PHE B 10 10.59 15.46 -17.20
CA PHE B 10 9.58 15.62 -18.22
C PHE B 10 9.75 17.00 -18.82
N LEU B 11 9.43 17.14 -20.09
CA LEU B 11 9.43 18.47 -20.67
C LEU B 11 8.60 18.47 -21.94
N SER B 12 8.05 19.64 -22.24
CA SER B 12 7.11 19.83 -23.33
C SER B 12 7.71 20.79 -24.33
N ALA B 13 7.45 20.53 -25.61
CA ALA B 13 7.95 21.39 -26.66
C ALA B 13 7.05 21.19 -27.86
N SER B 14 7.11 22.13 -28.79
CA SER B 14 6.39 22.02 -30.03
C SER B 14 7.35 21.74 -31.17
N VAL B 15 6.77 21.25 -32.27
CA VAL B 15 7.52 21.00 -33.49
C VAL B 15 8.23 22.29 -33.89
N GLY B 16 9.52 22.17 -34.23
CA GLY B 16 10.37 23.30 -34.53
C GLY B 16 11.21 23.78 -33.36
N ASP B 17 10.78 23.52 -32.13
CA ASP B 17 11.53 24.00 -30.98
C ASP B 17 12.91 23.35 -30.92
N ARG B 18 13.77 23.94 -30.10
CA ARG B 18 15.02 23.31 -29.71
C ARG B 18 14.88 22.79 -28.29
N VAL B 19 15.39 21.57 -28.07
CA VAL B 19 15.24 20.87 -26.80
C VAL B 19 16.62 20.47 -26.30
N THR B 20 16.90 20.76 -25.04
CA THR B 20 18.14 20.35 -24.39
C THR B 20 17.79 19.50 -23.19
N ILE B 21 18.38 18.30 -23.11
CA ILE B 21 18.23 17.47 -21.92
C ILE B 21 19.61 17.09 -21.42
N THR B 22 19.80 17.17 -20.12
CA THR B 22 21.12 17.04 -19.55
C THR B 22 21.20 15.75 -18.73
N CYS B 23 22.43 15.33 -18.47
CA CYS B 23 22.65 14.12 -17.72
C CYS B 23 23.97 14.29 -16.96
N ARG B 24 23.96 14.02 -15.65
CA ARG B 24 25.11 14.26 -14.80
C ARG B 24 25.58 12.96 -14.15
N ALA B 25 26.88 12.70 -14.21
CA ALA B 25 27.44 11.51 -13.59
C ALA B 25 27.89 11.84 -12.17
N SER B 26 27.71 10.88 -11.26
CA SER B 26 28.18 11.06 -9.89
C SER B 26 29.70 11.09 -9.79
N GLN B 27 30.41 10.79 -10.87
CA GLN B 27 31.86 10.97 -10.95
C GLN B 27 32.27 10.92 -12.42
N GLY B 28 33.53 11.28 -12.67
CA GLY B 28 33.97 11.48 -14.05
C GLY B 28 33.90 10.18 -14.85
N ILE B 29 33.47 10.31 -16.10
CA ILE B 29 33.30 9.15 -16.98
C ILE B 29 33.92 9.46 -18.33
N ASP B 30 34.83 10.44 -18.35
CA ASP B 30 35.56 10.83 -19.57
C ASP B 30 34.53 11.25 -20.60
N ARG B 31 34.41 10.57 -21.74
CA ARG B 31 33.33 10.84 -22.68
C ARG B 31 32.54 9.59 -23.02
N TYR B 32 32.62 8.55 -22.17
CA TYR B 32 32.02 7.24 -22.46
C TYR B 32 30.55 7.26 -22.06
N LEU B 33 29.78 8.09 -22.74
CA LEU B 33 28.36 8.27 -22.47
C LEU B 33 27.54 8.15 -23.74
N ALA B 34 26.50 7.33 -23.71
CA ALA B 34 25.64 7.13 -24.87
C ALA B 34 24.22 7.63 -24.59
N TRP B 35 23.52 8.02 -25.65
CA TRP B 35 22.13 8.46 -25.57
C TRP B 35 21.26 7.55 -26.41
N TYR B 36 20.05 7.26 -25.92
CA TYR B 36 19.06 6.43 -26.61
C TYR B 36 17.70 7.11 -26.65
N GLN B 37 16.92 6.78 -27.65
CA GLN B 37 15.52 7.15 -27.76
C GLN B 37 14.65 5.90 -27.63
N GLN B 38 13.46 6.05 -27.01
CA GLN B 38 12.57 4.90 -26.89
C GLN B 38 11.11 5.38 -26.94
N LYS B 39 10.30 4.69 -27.76
CA LYS B 39 8.86 4.88 -27.82
C LYS B 39 8.14 3.68 -27.18
N PRO B 40 6.93 3.88 -26.66
CA PRO B 40 6.22 2.76 -26.01
C PRO B 40 6.06 1.57 -26.96
N GLY B 41 6.34 0.38 -26.44
CA GLY B 41 6.21 -0.84 -27.23
C GLY B 41 7.35 -1.11 -28.19
N SER B 42 8.43 -0.33 -28.17
CA SER B 42 9.56 -0.54 -29.05
C SER B 42 10.85 -0.62 -28.23
N ALA B 43 11.89 -1.23 -28.82
CA ALA B 43 13.21 -1.25 -28.18
C ALA B 43 13.85 0.13 -28.24
N PRO B 44 14.79 0.43 -27.32
CA PRO B 44 15.54 1.67 -27.44
C PRO B 44 16.38 1.68 -28.71
N LYS B 45 16.68 2.89 -29.17
CA LYS B 45 17.45 3.14 -30.39
C LYS B 45 18.68 3.97 -30.01
N LEU B 46 19.86 3.51 -30.41
CA LEU B 46 21.09 4.24 -30.10
C LEU B 46 21.20 5.50 -30.96
N LEU B 47 21.36 6.66 -30.32
CA LEU B 47 21.44 7.95 -30.99
C LEU B 47 22.86 8.50 -31.09
N ILE B 48 23.58 8.51 -29.97
CA ILE B 48 24.91 9.09 -29.87
C ILE B 48 25.74 8.19 -28.98
N TYR B 49 27.01 8.00 -29.33
CA TYR B 49 27.94 7.32 -28.46
C TYR B 49 29.21 8.16 -28.34
N ALA B 50 30.04 7.80 -27.36
CA ALA B 50 31.24 8.58 -27.02
C ALA B 50 30.90 10.07 -26.89
N ALA B 51 29.75 10.34 -26.23
CA ALA B 51 29.27 11.69 -25.88
C ALA B 51 28.85 12.53 -27.07
N SER B 52 29.56 12.47 -28.18
CA SER B 52 29.30 13.40 -29.27
C SER B 52 29.16 12.79 -30.65
N THR B 53 29.51 11.53 -30.87
CA THR B 53 29.48 11.06 -32.24
C THR B 53 28.13 10.43 -32.54
N LEU B 54 27.57 10.81 -33.69
CA LEU B 54 26.22 10.44 -34.07
C LEU B 54 26.21 9.04 -34.67
N GLN B 55 25.28 8.21 -34.22
CA GLN B 55 25.14 6.86 -34.76
C GLN B 55 24.65 6.96 -36.20
N SER B 56 25.17 6.08 -37.06
CA SER B 56 24.76 6.13 -38.47
C SER B 56 23.26 5.91 -38.57
N GLY B 57 22.62 6.72 -39.42
CA GLY B 57 21.19 6.70 -39.59
C GLY B 57 20.42 7.69 -38.75
N VAL B 58 21.04 8.27 -37.72
CA VAL B 58 20.33 9.17 -36.82
C VAL B 58 20.36 10.57 -37.44
N PRO B 59 19.22 11.27 -37.49
CA PRO B 59 19.21 12.61 -38.10
C PRO B 59 20.21 13.54 -37.44
N SER B 60 20.71 14.49 -38.22
CA SER B 60 21.72 15.43 -37.74
C SER B 60 21.16 16.46 -36.77
N ARG B 61 19.84 16.59 -36.63
CA ARG B 61 19.32 17.52 -35.64
C ARG B 61 19.66 17.10 -34.21
N PHE B 62 20.06 15.84 -34.03
CA PHE B 62 20.55 15.37 -32.74
C PHE B 62 22.05 15.69 -32.61
N SER B 63 22.44 16.14 -31.42
CA SER B 63 23.86 16.33 -31.13
C SER B 63 24.08 16.15 -29.65
N GLY B 64 25.28 15.67 -29.32
CA GLY B 64 25.68 15.50 -27.95
C GLY B 64 26.93 16.31 -27.67
N SER B 65 27.07 16.72 -26.41
CA SER B 65 28.29 17.36 -25.94
C SER B 65 28.50 17.02 -24.48
N GLY B 66 29.64 17.43 -23.96
CA GLY B 66 29.96 17.26 -22.56
C GLY B 66 31.16 16.37 -22.34
N SER B 67 31.62 16.37 -21.09
CA SER B 67 32.77 15.56 -20.72
C SER B 67 32.85 15.50 -19.20
N GLU B 68 33.61 14.53 -18.73
CA GLU B 68 33.80 14.24 -17.32
C GLU B 68 32.48 13.95 -16.63
N THR B 69 31.77 14.96 -16.11
CA THR B 69 30.53 14.69 -15.38
C THR B 69 29.28 15.36 -15.94
N ASP B 70 29.38 16.31 -16.85
CA ASP B 70 28.22 17.05 -17.35
C ASP B 70 28.04 16.83 -18.84
N PHE B 71 26.85 16.40 -19.25
CA PHE B 71 26.55 16.02 -20.63
C PHE B 71 25.17 16.53 -21.04
N THR B 72 25.03 16.84 -22.33
CA THR B 72 23.75 17.31 -22.86
C THR B 72 23.42 16.62 -24.17
N LEU B 73 22.14 16.37 -24.39
CA LEU B 73 21.60 16.00 -25.69
C LEU B 73 20.78 17.19 -26.18
N THR B 74 21.00 17.60 -27.42
CA THR B 74 20.32 18.73 -28.05
C THR B 74 19.64 18.26 -29.33
N ILE B 75 18.35 18.54 -29.46
CA ILE B 75 17.61 18.32 -30.70
C ILE B 75 17.22 19.70 -31.22
N SER B 76 17.68 20.04 -32.41
CA SER B 76 17.72 21.44 -32.81
C SER B 76 16.45 21.92 -33.49
N SER B 77 15.69 21.04 -34.14
CA SER B 77 14.44 21.45 -34.78
C SER B 77 13.47 20.27 -34.62
N LEU B 78 12.66 20.33 -33.58
CA LEU B 78 11.89 19.19 -33.14
C LEU B 78 10.91 18.75 -34.21
N GLN B 79 10.90 17.45 -34.50
CA GLN B 79 10.02 16.85 -35.48
C GLN B 79 9.05 15.90 -34.80
N PRO B 80 7.90 15.61 -35.43
CA PRO B 80 6.93 14.68 -34.82
C PRO B 80 7.50 13.36 -34.35
N ASP B 81 8.48 12.82 -35.08
CA ASP B 81 9.14 11.56 -34.73
C ASP B 81 9.94 11.65 -33.43
N ASP B 82 10.19 12.85 -32.91
CA ASP B 82 11.13 13.00 -31.81
C ASP B 82 10.47 12.87 -30.43
N PHE B 83 9.15 12.83 -30.35
CA PHE B 83 8.53 12.77 -29.04
C PHE B 83 8.56 11.34 -28.53
N ALA B 84 9.11 11.17 -27.32
CA ALA B 84 9.66 9.90 -26.87
C ALA B 84 10.34 10.08 -25.53
N THR B 85 10.86 9.00 -24.98
CA THR B 85 11.68 9.04 -23.79
C THR B 85 13.15 8.87 -24.19
N TYR B 86 14.01 9.64 -23.56
CA TYR B 86 15.44 9.64 -23.85
C TYR B 86 16.20 9.18 -22.62
N TYR B 87 17.21 8.33 -22.84
CA TYR B 87 18.05 7.82 -21.76
C TYR B 87 19.51 8.05 -22.07
N CYS B 88 20.27 8.54 -21.08
CA CYS B 88 21.72 8.44 -21.16
C CYS B 88 22.18 7.13 -20.52
N GLN B 89 23.43 6.76 -20.83
CA GLN B 89 24.02 5.51 -20.37
C GLN B 89 25.52 5.72 -20.29
N GLN B 90 26.12 5.43 -19.13
CA GLN B 90 27.56 5.52 -18.98
C GLN B 90 28.19 4.14 -19.09
N LEU B 91 29.29 4.07 -19.84
CA LEU B 91 30.01 2.82 -20.02
C LEU B 91 31.41 2.88 -19.41
N SER B 92 31.71 3.93 -18.64
CA SER B 92 33.08 4.12 -18.14
C SER B 92 33.49 2.98 -17.23
N THR B 93 32.59 2.49 -16.39
CA THR B 93 32.89 1.40 -15.47
C THR B 93 32.63 0.02 -16.08
N TYR B 94 32.72 -0.10 -17.40
CA TYR B 94 32.62 -1.39 -18.06
C TYR B 94 33.56 -2.37 -17.35
N PRO B 95 33.11 -3.59 -17.02
CA PRO B 95 31.86 -4.20 -17.47
C PRO B 95 30.61 -3.97 -16.61
N THR B 96 30.53 -2.99 -15.72
CA THR B 96 29.22 -2.63 -15.20
C THR B 96 28.81 -1.30 -15.79
N ILE B 97 27.53 -1.21 -16.11
CA ILE B 97 26.94 -0.18 -16.94
C ILE B 97 25.70 0.31 -16.23
N THR B 98 25.46 1.62 -16.25
CA THR B 98 24.28 2.20 -15.62
C THR B 98 23.59 3.18 -16.58
N PHE B 99 22.28 3.29 -16.43
CA PHE B 99 21.42 4.18 -17.20
C PHE B 99 20.97 5.37 -16.35
N GLY B 100 20.70 6.49 -17.02
CA GLY B 100 19.92 7.54 -16.39
C GLY B 100 18.47 7.14 -16.29
N GLN B 101 17.71 7.92 -15.51
CA GLN B 101 16.32 7.56 -15.23
C GLN B 101 15.36 7.93 -16.35
N GLY B 102 15.82 8.65 -17.37
CA GLY B 102 14.96 8.91 -18.50
C GLY B 102 14.34 10.30 -18.48
N THR B 103 14.09 10.84 -19.67
CA THR B 103 13.43 12.11 -19.86
C THR B 103 12.32 11.92 -20.88
N ARG B 104 11.08 12.27 -20.51
CA ARG B 104 9.97 12.16 -21.45
C ARG B 104 9.72 13.50 -22.13
N LEU B 105 9.76 13.49 -23.44
CA LEU B 105 9.57 14.68 -24.27
C LEU B 105 8.18 14.59 -24.90
N GLU B 106 7.26 15.41 -24.41
CA GLU B 106 5.89 15.37 -24.87
C GLU B 106 5.57 16.63 -25.67
N ILE B 107 4.39 16.63 -26.28
CA ILE B 107 3.98 17.64 -27.23
C ILE B 107 3.29 18.78 -26.48
N LYS B 108 3.75 20.01 -26.72
CA LYS B 108 3.14 21.20 -26.13
C LYS B 108 1.87 21.58 -26.88
N ARG B 109 0.86 22.01 -26.13
CA ARG B 109 -0.36 22.55 -26.71
C ARG B 109 -0.95 23.54 -25.71
N THR B 110 -2.06 24.16 -26.08
CA THR B 110 -2.71 25.10 -25.18
C THR B 110 -3.30 24.37 -23.98
N VAL B 111 -3.30 25.06 -22.83
CA VAL B 111 -3.98 24.58 -21.63
C VAL B 111 -5.40 24.16 -21.96
N ALA B 112 -5.83 23.04 -21.38
CA ALA B 112 -7.22 22.61 -21.51
C ALA B 112 -7.66 22.02 -20.18
N ALA B 113 -8.70 22.62 -19.58
CA ALA B 113 -9.22 22.11 -18.32
C ALA B 113 -9.90 20.76 -18.52
N PRO B 114 -9.81 19.85 -17.55
CA PRO B 114 -10.48 18.55 -17.69
C PRO B 114 -11.97 18.67 -17.46
N SER B 115 -12.74 17.91 -18.25
CA SER B 115 -14.10 17.59 -17.87
C SER B 115 -14.04 16.48 -16.83
N VAL B 116 -14.74 16.66 -15.72
CA VAL B 116 -14.67 15.76 -14.59
C VAL B 116 -15.99 15.03 -14.44
N PHE B 117 -15.92 13.72 -14.18
CA PHE B 117 -17.10 12.88 -13.98
C PHE B 117 -16.85 11.93 -12.84
N ILE B 118 -17.91 11.62 -12.10
CA ILE B 118 -17.83 10.68 -11.00
C ILE B 118 -18.83 9.56 -11.25
N PHE B 119 -18.41 8.34 -10.90
CA PHE B 119 -19.17 7.13 -11.16
C PHE B 119 -19.28 6.34 -9.86
N PRO B 120 -20.47 6.07 -9.38
CA PRO B 120 -20.64 5.22 -8.17
C PRO B 120 -20.41 3.76 -8.52
N PRO B 121 -20.17 2.90 -7.52
CA PRO B 121 -20.10 1.46 -7.79
C PRO B 121 -21.45 0.91 -8.22
N SER B 122 -21.41 -0.08 -9.11
CA SER B 122 -22.63 -0.72 -9.59
C SER B 122 -23.27 -1.59 -8.49
N ASP B 123 -24.57 -1.84 -8.65
CA ASP B 123 -25.23 -2.77 -7.72
C ASP B 123 -24.64 -4.18 -7.85
N GLU B 124 -24.33 -4.59 -9.08
CA GLU B 124 -23.75 -5.92 -9.30
C GLU B 124 -22.46 -6.09 -8.51
N GLN B 125 -21.53 -5.12 -8.63
CA GLN B 125 -20.28 -5.22 -7.89
C GLN B 125 -20.50 -5.25 -6.38
N LEU B 126 -21.46 -4.47 -5.87
CA LEU B 126 -21.73 -4.47 -4.43
C LEU B 126 -22.10 -5.86 -3.93
N LYS B 127 -22.88 -6.61 -4.73
CA LYS B 127 -23.29 -7.97 -4.40
C LYS B 127 -22.13 -8.93 -4.19
N SER B 128 -20.90 -8.47 -4.40
CA SER B 128 -19.73 -9.31 -4.18
C SER B 128 -18.76 -8.76 -3.13
N GLY B 129 -19.18 -7.75 -2.36
CA GLY B 129 -18.43 -7.36 -1.17
C GLY B 129 -17.47 -6.19 -1.32
N THR B 130 -17.36 -5.60 -2.51
CA THR B 130 -16.36 -4.57 -2.76
C THR B 130 -17.01 -3.42 -3.54
N ALA B 131 -16.53 -2.19 -3.30
CA ALA B 131 -17.07 -1.01 -3.96
C ALA B 131 -15.93 -0.21 -4.59
N SER B 132 -15.98 -0.08 -5.91
CA SER B 132 -15.06 0.78 -6.64
C SER B 132 -15.79 2.05 -7.05
N VAL B 133 -15.21 3.21 -6.72
CA VAL B 133 -15.73 4.52 -7.11
C VAL B 133 -14.71 5.18 -8.04
N VAL B 134 -15.17 5.70 -9.17
CA VAL B 134 -14.28 6.14 -10.23
C VAL B 134 -14.47 7.63 -10.50
N CYS B 135 -13.37 8.36 -10.56
CA CYS B 135 -13.34 9.74 -10.99
C CYS B 135 -12.55 9.81 -12.29
N LEU B 136 -13.14 10.44 -13.29
CA LEU B 136 -12.57 10.56 -14.61
C LEU B 136 -12.27 12.02 -14.88
N LEU B 137 -11.04 12.31 -15.33
CA LEU B 137 -10.64 13.62 -15.84
C LEU B 137 -10.36 13.46 -17.33
N ASN B 138 -11.09 14.18 -18.16
CA ASN B 138 -11.07 13.91 -19.59
C ASN B 138 -10.46 15.07 -20.37
N ASN B 139 -9.51 14.73 -21.25
CA ASN B 139 -8.96 15.62 -22.28
C ASN B 139 -8.41 16.92 -21.71
N PHE B 140 -7.44 16.78 -20.81
CA PHE B 140 -6.84 17.96 -20.20
C PHE B 140 -5.37 18.07 -20.60
N TYR B 141 -4.83 19.27 -20.38
CA TYR B 141 -3.43 19.57 -20.62
C TYR B 141 -3.08 20.79 -19.79
N PRO B 142 -1.90 20.83 -19.12
CA PRO B 142 -0.87 19.78 -19.11
C PRO B 142 -1.23 18.62 -18.19
N ARG B 143 -0.30 17.68 -18.04
CA ARG B 143 -0.56 16.45 -17.31
C ARG B 143 -0.83 16.70 -15.84
N GLU B 144 -0.11 17.63 -15.21
CA GLU B 144 -0.19 17.75 -13.76
C GLU B 144 -1.63 18.00 -13.31
N ALA B 145 -2.08 17.20 -12.35
CA ALA B 145 -3.44 17.35 -11.87
C ALA B 145 -3.52 16.76 -10.46
N LYS B 146 -4.38 17.35 -9.64
CA LYS B 146 -4.56 16.93 -8.26
C LYS B 146 -5.98 16.43 -8.07
N VAL B 147 -6.14 15.17 -7.70
CA VAL B 147 -7.45 14.57 -7.47
C VAL B 147 -7.52 14.16 -6.00
N GLN B 148 -8.50 14.70 -5.29
CA GLN B 148 -8.68 14.42 -3.86
C GLN B 148 -10.03 13.76 -3.67
N TRP B 149 -10.01 12.57 -3.06
CA TRP B 149 -11.25 11.92 -2.67
C TRP B 149 -11.66 12.42 -1.29
N LYS B 150 -12.95 12.66 -1.14
CA LYS B 150 -13.55 13.03 0.14
C LYS B 150 -14.80 12.19 0.33
N VAL B 151 -14.88 11.51 1.47
CA VAL B 151 -16.02 10.68 1.81
C VAL B 151 -16.60 11.26 3.09
N ASP B 152 -17.88 11.66 3.04
CA ASP B 152 -18.52 12.42 4.11
C ASP B 152 -17.62 13.56 4.59
N ASN B 153 -17.02 14.25 3.63
CA ASN B 153 -16.16 15.42 3.79
C ASN B 153 -14.80 15.10 4.41
N ALA B 154 -14.46 13.83 4.59
CA ALA B 154 -13.18 13.45 5.15
C ALA B 154 -12.18 13.11 4.03
N LEU B 155 -10.97 13.65 4.14
CA LEU B 155 -9.93 13.43 3.13
C LEU B 155 -9.44 11.99 3.15
N GLN B 156 -9.47 11.34 2.00
CA GLN B 156 -9.05 9.96 1.87
C GLN B 156 -7.57 9.88 1.49
N SER B 157 -6.94 8.77 1.87
CA SER B 157 -5.53 8.55 1.55
C SER B 157 -5.23 7.06 1.61
N GLY B 158 -4.40 6.60 0.67
CA GLY B 158 -3.95 5.22 0.64
C GLY B 158 -4.94 4.20 0.13
N ASN B 159 -6.11 4.61 -0.37
CA ASN B 159 -7.11 3.66 -0.84
C ASN B 159 -7.53 3.93 -2.28
N SER B 160 -6.71 4.66 -3.04
CA SER B 160 -7.05 5.01 -4.41
C SER B 160 -5.82 4.82 -5.29
N GLN B 161 -6.05 4.57 -6.58
CA GLN B 161 -5.00 4.37 -7.59
C GLN B 161 -5.36 5.20 -8.83
N GLU B 162 -4.36 5.86 -9.40
CA GLU B 162 -4.54 6.67 -10.59
C GLU B 162 -3.93 5.99 -11.80
N SER B 163 -4.56 6.20 -12.95
CA SER B 163 -4.04 5.72 -14.22
C SER B 163 -4.26 6.81 -15.27
N VAL B 164 -3.26 7.02 -16.12
CA VAL B 164 -3.30 8.12 -17.07
C VAL B 164 -2.98 7.57 -18.46
N THR B 165 -3.71 8.03 -19.47
CA THR B 165 -3.43 7.61 -20.82
C THR B 165 -2.17 8.30 -21.35
N GLU B 166 -1.61 7.70 -22.39
CA GLU B 166 -0.61 8.35 -23.23
C GLU B 166 -1.18 9.61 -23.88
N GLN B 167 -0.31 10.56 -24.16
CA GLN B 167 -0.75 11.79 -24.79
C GLN B 167 -1.47 11.48 -26.11
N ASP B 168 -2.67 12.03 -26.27
CA ASP B 168 -3.53 11.65 -27.40
C ASP B 168 -2.90 12.03 -28.73
N SER B 169 -3.00 11.12 -29.70
CA SER B 169 -2.30 11.27 -30.97
C SER B 169 -2.81 12.45 -31.78
N LYS B 170 -4.10 12.80 -31.63
CA LYS B 170 -4.72 13.87 -32.43
C LYS B 170 -4.78 15.21 -31.72
N ASP B 171 -5.22 15.27 -30.46
CA ASP B 171 -5.37 16.56 -29.81
C ASP B 171 -4.39 16.80 -28.66
N SER B 172 -3.44 15.88 -28.44
CA SER B 172 -2.31 16.08 -27.53
C SER B 172 -2.75 16.27 -26.06
N THR B 173 -3.97 15.83 -25.72
CA THR B 173 -4.43 15.90 -24.33
C THR B 173 -4.18 14.58 -23.61
N TYR B 174 -4.45 14.61 -22.31
CA TYR B 174 -4.40 13.44 -21.45
C TYR B 174 -5.77 13.21 -20.84
N SER B 175 -5.99 11.99 -20.38
CA SER B 175 -7.15 11.68 -19.58
C SER B 175 -6.68 10.85 -18.38
N LEU B 176 -7.45 10.86 -17.30
CA LEU B 176 -6.96 10.22 -16.10
C LEU B 176 -8.13 9.66 -15.31
N SER B 177 -7.92 8.48 -14.73
CA SER B 177 -8.89 7.86 -13.84
C SER B 177 -8.30 7.78 -12.45
N SER B 178 -9.14 8.04 -11.44
CA SER B 178 -8.77 7.74 -10.08
C SER B 178 -9.82 6.79 -9.51
N THR B 179 -9.38 5.68 -8.95
CA THR B 179 -10.31 4.64 -8.50
C THR B 179 -10.16 4.43 -7.00
N LEU B 180 -11.22 4.80 -6.25
CA LEU B 180 -11.32 4.60 -4.81
C LEU B 180 -11.93 3.24 -4.53
N THR B 181 -11.24 2.39 -3.79
CA THR B 181 -11.71 1.03 -3.55
C THR B 181 -12.03 0.89 -2.07
N LEU B 182 -13.27 0.48 -1.76
CA LEU B 182 -13.69 0.20 -0.40
C LEU B 182 -14.40 -1.15 -0.34
N SER B 183 -14.40 -1.73 0.85
CA SER B 183 -15.23 -2.90 1.09
C SER B 183 -16.70 -2.47 1.10
N LYS B 184 -17.57 -3.44 0.83
CA LYS B 184 -19.01 -3.16 0.80
C LYS B 184 -19.48 -2.52 2.10
N ALA B 185 -19.06 -3.09 3.23
CA ALA B 185 -19.46 -2.58 4.53
C ALA B 185 -19.00 -1.14 4.72
N ASP B 186 -17.79 -0.83 4.25
CA ASP B 186 -17.30 0.55 4.37
C ASP B 186 -18.08 1.51 3.48
N TYR B 187 -18.38 1.10 2.25
CA TYR B 187 -19.11 1.98 1.34
C TYR B 187 -20.53 2.25 1.84
N GLU B 188 -21.14 1.27 2.51
CA GLU B 188 -22.54 1.37 2.93
C GLU B 188 -22.73 2.34 4.09
N LYS B 189 -21.69 2.55 4.91
CA LYS B 189 -21.80 3.37 6.10
C LYS B 189 -21.53 4.85 5.84
N HIS B 190 -21.35 5.25 4.58
CA HIS B 190 -21.09 6.65 4.25
C HIS B 190 -22.07 7.11 3.19
N LYS B 191 -22.28 8.42 3.12
CA LYS B 191 -23.33 8.96 2.27
C LYS B 191 -22.80 9.71 1.05
N VAL B 192 -21.86 10.63 1.25
CA VAL B 192 -21.43 11.57 0.21
C VAL B 192 -20.04 11.17 -0.26
N TYR B 193 -19.93 10.80 -1.53
CA TYR B 193 -18.64 10.51 -2.16
C TYR B 193 -18.32 11.65 -3.12
N ALA B 194 -17.15 12.26 -2.96
CA ALA B 194 -16.79 13.44 -3.73
C ALA B 194 -15.38 13.31 -4.30
N CYS B 195 -15.22 13.81 -5.51
CA CYS B 195 -13.95 13.88 -6.20
C CYS B 195 -13.65 15.35 -6.47
N GLU B 196 -12.52 15.82 -5.95
CA GLU B 196 -12.14 17.22 -6.06
C GLU B 196 -10.88 17.33 -6.92
N VAL B 197 -10.97 18.12 -7.98
CA VAL B 197 -9.94 18.17 -9.02
C VAL B 197 -9.33 19.55 -9.05
N THR B 198 -8.01 19.61 -8.98
CA THR B 198 -7.23 20.84 -9.14
C THR B 198 -6.42 20.76 -10.43
N HIS B 199 -6.43 21.84 -11.21
CA HIS B 199 -5.70 21.85 -12.47
C HIS B 199 -5.47 23.29 -12.90
N GLN B 200 -4.41 23.49 -13.68
CA GLN B 200 -4.04 24.81 -14.14
C GLN B 200 -5.18 25.49 -14.89
N GLY B 201 -5.92 24.73 -15.68
CA GLY B 201 -6.98 25.33 -16.48
C GLY B 201 -8.24 25.69 -15.75
N LEU B 202 -8.29 25.53 -14.42
CA LEU B 202 -9.50 25.72 -13.63
C LEU B 202 -9.28 26.82 -12.61
N SER B 203 -10.03 27.92 -12.75
CA SER B 203 -9.90 29.05 -11.82
C SER B 203 -10.43 28.74 -10.42
N SER B 204 -10.97 27.55 -10.20
CA SER B 204 -11.23 27.04 -8.86
C SER B 204 -11.38 25.53 -8.97
N PRO B 205 -11.05 24.78 -7.91
CA PRO B 205 -11.19 23.33 -7.98
C PRO B 205 -12.63 22.91 -8.28
N VAL B 206 -12.76 21.89 -9.13
CA VAL B 206 -14.05 21.32 -9.50
C VAL B 206 -14.32 20.11 -8.62
N THR B 207 -15.54 20.03 -8.07
CA THR B 207 -15.98 18.88 -7.30
C THR B 207 -17.16 18.23 -8.01
N LYS B 208 -17.07 16.92 -8.21
CA LYS B 208 -18.22 16.10 -8.60
C LYS B 208 -18.47 15.11 -7.48
N SER B 209 -19.74 14.84 -7.20
CA SER B 209 -20.07 13.99 -6.07
C SER B 209 -21.44 13.37 -6.29
N PHE B 210 -21.71 12.33 -5.50
CA PHE B 210 -23.01 11.67 -5.47
C PHE B 210 -23.31 11.28 -4.03
N ASN B 211 -24.60 11.13 -3.73
CA ASN B 211 -25.05 10.62 -2.45
C ASN B 211 -25.46 9.16 -2.63
N ARG B 212 -24.88 8.28 -1.82
CA ARG B 212 -25.25 6.87 -1.87
C ARG B 212 -26.74 6.69 -1.62
N GLY B 213 -27.45 6.14 -2.60
CA GLY B 213 -28.82 5.73 -2.43
C GLY B 213 -29.87 6.55 -3.15
N GLU B 214 -29.49 7.42 -4.07
CA GLU B 214 -30.44 8.29 -4.76
C GLU B 214 -31.10 7.62 -5.95
N GLN C 1 7.53 1.53 -5.63
CA GLN C 1 6.69 0.65 -4.85
C GLN C 1 7.46 0.00 -3.70
N VAL C 2 8.04 0.82 -2.82
CA VAL C 2 8.71 0.28 -1.65
C VAL C 2 7.65 -0.38 -0.77
N GLN C 3 7.81 -1.68 -0.53
CA GLN C 3 6.69 -2.46 -0.02
C GLN C 3 7.23 -3.64 0.78
N LEU C 4 6.55 -3.96 1.89
CA LEU C 4 6.74 -5.18 2.64
C LEU C 4 5.39 -5.87 2.76
N VAL C 5 5.30 -7.12 2.31
CA VAL C 5 4.03 -7.85 2.30
C VAL C 5 4.15 -9.04 3.24
N GLN C 6 3.34 -9.04 4.29
CA GLN C 6 3.41 -10.05 5.32
C GLN C 6 2.42 -11.18 5.03
N SER C 7 2.66 -12.34 5.63
CA SER C 7 1.76 -13.47 5.47
C SER C 7 2.07 -14.50 6.56
N GLY C 8 1.11 -15.40 6.76
CA GLY C 8 1.32 -16.57 7.59
C GLY C 8 0.95 -16.48 9.05
N GLY C 9 -0.21 -15.90 9.38
CA GLY C 9 -0.54 -15.79 10.79
C GLY C 9 -1.48 -16.85 11.33
N GLY C 10 -2.49 -16.40 12.08
CA GLY C 10 -3.61 -17.25 12.47
C GLY C 10 -3.54 -17.73 13.90
N VAL C 11 -4.28 -18.81 14.16
CA VAL C 11 -4.43 -19.38 15.50
C VAL C 11 -3.41 -20.48 15.68
N VAL C 12 -2.88 -20.60 16.90
CA VAL C 12 -1.87 -21.60 17.22
C VAL C 12 -1.96 -21.90 18.71
N GLN C 13 -1.75 -23.17 19.07
CA GLN C 13 -1.93 -23.62 20.44
C GLN C 13 -0.72 -23.31 21.31
N PRO C 14 -0.94 -23.10 22.61
CA PRO C 14 0.18 -22.86 23.52
C PRO C 14 1.21 -23.97 23.46
N GLY C 15 2.48 -23.59 23.63
CA GLY C 15 3.58 -24.55 23.54
C GLY C 15 4.02 -24.90 22.12
N ARG C 16 3.12 -24.80 21.14
CA ARG C 16 3.44 -25.08 19.76
C ARG C 16 4.19 -23.89 19.13
N SER C 17 4.35 -23.96 17.81
CA SER C 17 5.23 -23.04 17.12
C SER C 17 4.57 -22.64 15.79
N LEU C 18 5.15 -21.62 15.18
CA LEU C 18 4.60 -20.91 14.02
C LEU C 18 5.72 -20.06 13.42
N ARG C 19 5.63 -19.82 12.12
CA ARG C 19 6.64 -19.04 11.42
C ARG C 19 5.98 -17.95 10.59
N LEU C 20 6.42 -16.71 10.78
CA LEU C 20 5.90 -15.57 10.02
C LEU C 20 6.79 -15.25 8.83
N SER C 21 6.17 -14.72 7.78
CA SER C 21 6.89 -14.36 6.56
C SER C 21 6.61 -12.92 6.19
N CYS C 22 7.63 -12.28 5.62
CA CYS C 22 7.56 -10.88 5.18
C CYS C 22 8.33 -10.79 3.88
N ALA C 23 7.65 -10.38 2.81
CA ALA C 23 8.21 -10.33 1.47
C ALA C 23 8.47 -8.88 1.10
N ALA C 24 9.69 -8.58 0.66
CA ALA C 24 10.11 -7.22 0.40
C ALA C 24 10.27 -6.98 -1.10
N SER C 25 9.99 -5.75 -1.52
CA SER C 25 10.06 -5.43 -2.94
C SER C 25 10.20 -3.92 -3.10
N GLY C 26 10.82 -3.51 -4.20
CA GLY C 26 10.96 -2.09 -4.53
C GLY C 26 12.10 -1.39 -3.82
N PHE C 27 13.00 -2.13 -3.19
CA PHE C 27 14.24 -1.60 -2.64
C PHE C 27 15.21 -2.77 -2.55
N ASN C 28 16.47 -2.45 -2.29
CA ASN C 28 17.50 -3.48 -2.25
C ASN C 28 17.49 -4.12 -0.87
N PHE C 29 16.68 -5.18 -0.75
CA PHE C 29 16.47 -5.86 0.53
C PHE C 29 17.79 -6.17 1.22
N GLY C 30 18.78 -6.60 0.45
CA GLY C 30 20.03 -7.12 0.98
C GLY C 30 21.01 -6.09 1.53
N ASP C 31 20.80 -4.78 1.35
CA ASP C 31 21.68 -3.84 2.05
C ASP C 31 20.97 -3.08 3.18
N PHE C 32 19.91 -3.66 3.76
CA PHE C 32 19.28 -3.09 4.94
C PHE C 32 19.08 -4.14 6.03
N GLY C 33 19.36 -3.75 7.28
CA GLY C 33 18.85 -4.51 8.41
C GLY C 33 17.33 -4.48 8.45
N MET C 34 16.76 -5.48 9.11
CA MET C 34 15.31 -5.65 9.18
C MET C 34 14.88 -5.98 10.61
N HIS C 35 13.66 -5.56 10.97
CA HIS C 35 13.15 -5.71 12.33
C HIS C 35 11.79 -6.40 12.35
N TRP C 36 11.49 -7.01 13.49
CA TRP C 36 10.11 -7.38 13.84
C TRP C 36 9.67 -6.56 15.06
N VAL C 37 8.40 -6.16 15.06
CA VAL C 37 7.77 -5.36 16.11
C VAL C 37 6.35 -5.88 16.32
N ARG C 38 5.87 -5.89 17.56
CA ARG C 38 4.55 -6.47 17.80
C ARG C 38 3.70 -5.58 18.71
N GLN C 39 2.39 -5.82 18.67
CA GLN C 39 1.42 -5.03 19.43
C GLN C 39 0.31 -5.94 19.95
N ALA C 40 0.32 -6.19 21.26
CA ALA C 40 -0.72 -6.99 21.88
C ALA C 40 -2.03 -6.21 21.93
N PRO C 41 -3.19 -6.93 22.00
CA PRO C 41 -4.50 -6.24 21.95
C PRO C 41 -4.60 -5.13 22.99
N GLY C 42 -4.83 -3.91 22.51
CA GLY C 42 -4.94 -2.76 23.39
C GLY C 42 -3.65 -2.22 23.96
N LYS C 43 -2.50 -2.77 23.55
CA LYS C 43 -1.20 -2.39 24.09
C LYS C 43 -0.46 -1.48 23.10
N GLY C 44 0.70 -0.98 23.51
CA GLY C 44 1.56 -0.23 22.63
C GLY C 44 2.51 -1.12 21.85
N LEU C 45 3.43 -0.47 21.13
CA LEU C 45 4.40 -1.22 20.32
C LEU C 45 5.49 -1.79 21.21
N GLU C 46 5.88 -3.02 20.92
CA GLU C 46 6.96 -3.71 21.61
C GLU C 46 7.94 -4.20 20.56
N TRP C 47 9.20 -3.83 20.70
CA TRP C 47 10.23 -4.28 19.77
C TRP C 47 10.59 -5.74 20.04
N VAL C 48 10.76 -6.52 18.98
CA VAL C 48 10.95 -7.96 19.07
C VAL C 48 12.37 -8.41 18.65
N ALA C 49 12.87 -7.95 17.50
CA ALA C 49 14.13 -8.50 17.00
C ALA C 49 14.65 -7.70 15.82
N VAL C 50 15.93 -7.93 15.50
CA VAL C 50 16.62 -7.28 14.38
C VAL C 50 17.59 -8.27 13.78
N ILE C 51 17.81 -8.16 12.46
CA ILE C 51 18.79 -8.95 11.75
C ILE C 51 19.56 -8.03 10.80
N SER C 52 20.87 -8.26 10.69
CA SER C 52 21.71 -7.44 9.83
C SER C 52 21.49 -7.80 8.36
N TYR C 53 21.97 -6.90 7.48
CA TYR C 53 21.70 -6.99 6.04
C TYR C 53 22.03 -8.36 5.47
N GLU C 54 23.05 -9.01 6.03
CA GLU C 54 23.58 -10.29 5.58
C GLU C 54 22.99 -11.49 6.30
N GLY C 55 22.28 -11.27 7.42
CA GLY C 55 21.86 -12.37 8.27
C GLY C 55 22.91 -12.90 9.21
N ARG C 56 24.11 -12.31 9.21
CA ARG C 56 25.17 -12.78 10.10
C ARG C 56 24.95 -12.34 11.55
N ASN C 57 24.35 -11.17 11.75
CA ASN C 57 24.13 -10.68 13.10
C ASN C 57 22.64 -10.53 13.37
N LYS C 58 22.26 -10.74 14.63
CA LYS C 58 20.87 -10.63 15.04
C LYS C 58 20.82 -10.39 16.56
N ASN C 59 19.69 -9.84 16.99
CA ASN C 59 19.38 -9.68 18.40
C ASN C 59 17.88 -9.80 18.59
N HIS C 60 17.48 -10.21 19.78
CA HIS C 60 16.10 -10.49 20.13
C HIS C 60 15.82 -9.87 21.49
N ALA C 61 14.59 -9.40 21.67
CA ALA C 61 14.20 -8.81 22.95
C ALA C 61 14.25 -9.85 24.06
N ASP C 62 14.50 -9.39 25.29
CA ASP C 62 14.59 -10.31 26.42
C ASP C 62 13.33 -11.16 26.55
N SER C 63 12.17 -10.58 26.27
CA SER C 63 10.90 -11.25 26.47
C SER C 63 10.64 -12.38 25.47
N VAL C 64 11.39 -12.46 24.37
CA VAL C 64 11.22 -13.52 23.39
C VAL C 64 12.49 -14.30 23.13
N ARG C 65 13.60 -13.91 23.77
CA ARG C 65 14.88 -14.57 23.52
C ARG C 65 14.82 -16.03 23.91
N GLY C 66 15.45 -16.88 23.11
CA GLY C 66 15.43 -18.30 23.32
C GLY C 66 14.22 -19.01 22.75
N ARG C 67 13.16 -18.28 22.41
CA ARG C 67 11.96 -18.85 21.82
C ARG C 67 11.73 -18.40 20.38
N PHE C 68 12.01 -17.13 20.08
CA PHE C 68 11.88 -16.59 18.74
C PHE C 68 13.26 -16.48 18.08
N THR C 69 13.29 -16.68 16.76
CA THR C 69 14.51 -16.57 15.96
C THR C 69 14.21 -15.81 14.68
N ILE C 70 14.81 -14.64 14.51
CA ILE C 70 14.66 -13.91 13.25
C ILE C 70 15.63 -14.50 12.21
N SER C 71 15.19 -14.61 10.96
CA SER C 71 16.11 -15.02 9.91
C SER C 71 15.72 -14.35 8.60
N ARG C 72 16.59 -14.47 7.59
CA ARG C 72 16.32 -13.85 6.30
C ARG C 72 16.88 -14.69 5.16
N ASP C 73 16.33 -14.46 3.97
CA ASP C 73 16.71 -15.16 2.74
C ASP C 73 16.83 -14.08 1.66
N ASN C 74 18.05 -13.55 1.50
CA ASN C 74 18.27 -12.44 0.57
C ASN C 74 18.01 -12.82 -0.88
N SER C 75 18.14 -14.12 -1.23
CA SER C 75 17.92 -14.49 -2.63
C SER C 75 16.44 -14.45 -2.97
N ARG C 76 15.57 -14.70 -1.99
CA ARG C 76 14.12 -14.60 -2.15
C ARG C 76 13.53 -13.31 -1.58
N ASN C 77 14.36 -12.38 -1.10
CA ASN C 77 13.90 -11.14 -0.48
C ASN C 77 12.85 -11.42 0.59
N MET C 78 13.14 -12.40 1.43
CA MET C 78 12.21 -12.84 2.47
C MET C 78 12.80 -12.58 3.84
N LEU C 79 11.95 -12.09 4.74
CA LEU C 79 12.24 -12.03 6.17
C LEU C 79 11.32 -13.01 6.91
N TYR C 80 11.85 -13.65 7.94
CA TYR C 80 11.11 -14.65 8.69
C TYR C 80 11.21 -14.38 10.18
N LEU C 81 10.18 -14.81 10.90
CA LEU C 81 10.25 -14.93 12.35
C LEU C 81 9.76 -16.33 12.71
N GLN C 82 10.66 -17.12 13.29
CA GLN C 82 10.31 -18.44 13.81
C GLN C 82 9.93 -18.28 15.28
N MET C 83 8.70 -18.64 15.62
CA MET C 83 8.15 -18.43 16.96
C MET C 83 7.89 -19.80 17.57
N ASN C 84 8.73 -20.19 18.54
CA ASN C 84 8.59 -21.45 19.25
C ASN C 84 8.03 -21.21 20.65
N SER C 85 7.50 -22.28 21.24
CA SER C 85 7.11 -22.31 22.66
C SER C 85 6.18 -21.16 23.00
N LEU C 86 5.16 -20.99 22.17
CA LEU C 86 4.31 -19.81 22.24
C LEU C 86 3.48 -19.81 23.51
N ARG C 87 3.27 -18.63 24.06
CA ARG C 87 2.47 -18.44 25.26
C ARG C 87 1.30 -17.52 24.92
N ARG C 88 0.33 -17.43 25.85
CA ARG C 88 -0.80 -16.56 25.61
C ARG C 88 -0.36 -15.10 25.50
N GLY C 89 0.67 -14.71 26.24
CA GLY C 89 1.22 -13.37 26.16
C GLY C 89 1.89 -13.02 24.85
N ASP C 90 2.03 -13.98 23.92
CA ASP C 90 2.57 -13.71 22.59
C ASP C 90 1.50 -13.32 21.59
N THR C 91 0.22 -13.37 21.98
CA THR C 91 -0.89 -12.92 21.15
C THR C 91 -0.72 -11.46 20.78
N ALA C 92 -0.70 -11.14 19.49
CA ALA C 92 -0.41 -9.78 19.07
C ALA C 92 -0.53 -9.68 17.56
N VAL C 93 -0.52 -8.44 17.06
CA VAL C 93 -0.20 -8.17 15.68
C VAL C 93 1.32 -8.03 15.58
N TYR C 94 1.91 -8.74 14.63
CA TYR C 94 3.34 -8.65 14.37
C TYR C 94 3.56 -7.87 13.08
N TYR C 95 4.58 -6.99 13.10
CA TYR C 95 4.98 -6.18 11.95
C TYR C 95 6.44 -6.40 11.63
N CYS C 96 6.75 -6.56 10.34
CA CYS C 96 8.13 -6.40 9.91
C CYS C 96 8.35 -4.95 9.52
N ALA C 97 9.61 -4.50 9.60
CA ALA C 97 9.93 -3.13 9.23
C ALA C 97 11.38 -3.05 8.75
N LYS C 98 11.61 -2.18 7.77
CA LYS C 98 12.93 -1.94 7.21
C LYS C 98 13.60 -0.79 7.95
N GLU C 99 14.90 -0.93 8.21
CA GLU C 99 15.67 0.18 8.77
C GLU C 99 15.73 1.35 7.81
N ASN C 100 15.44 2.54 8.32
CA ASN C 100 15.57 3.76 7.56
C ASN C 100 17.04 4.14 7.36
N ARG C 101 17.38 4.66 6.18
CA ARG C 101 18.71 5.25 5.99
C ARG C 101 18.62 6.77 6.14
N ASP C 102 19.63 7.39 6.75
CA ASP C 102 19.57 8.83 6.94
C ASP C 102 19.48 9.57 5.59
N ARG C 103 18.66 10.63 5.58
CA ARG C 103 18.49 11.55 4.46
C ARG C 103 19.79 11.90 3.72
N ASN C 104 20.86 12.17 4.46
CA ASN C 104 22.07 12.74 3.86
C ASN C 104 22.98 11.72 3.19
N TYR C 105 22.69 10.42 3.29
CA TYR C 105 23.59 9.39 2.76
C TYR C 105 22.81 8.47 1.83
N ASP C 106 23.24 8.41 0.57
CA ASP C 106 22.56 7.57 -0.43
C ASP C 106 22.86 6.09 -0.23
N SER C 107 24.06 5.74 0.21
CA SER C 107 24.43 4.36 0.44
C SER C 107 24.95 4.19 1.87
N TRP C 108 25.25 2.95 2.22
CA TRP C 108 25.63 2.61 3.58
C TRP C 108 26.89 3.36 4.00
N SER C 109 26.82 4.00 5.17
CA SER C 109 27.96 4.68 5.78
C SER C 109 27.96 4.42 7.28
N ALA C 110 27.73 3.15 7.66
CA ALA C 110 27.75 2.74 9.05
C ALA C 110 26.81 3.58 9.91
N SER C 111 27.25 3.93 11.13
CA SER C 111 26.37 4.64 12.05
C SER C 111 26.04 6.06 11.60
N TYR C 112 26.69 6.57 10.53
CA TYR C 112 26.29 7.87 10.02
C TYR C 112 24.97 7.81 9.26
N SER C 113 24.58 6.64 8.78
CA SER C 113 23.43 6.54 7.88
C SER C 113 22.43 5.51 8.33
N ASP C 114 22.89 4.49 9.04
CA ASP C 114 22.10 3.29 9.31
C ASP C 114 21.92 3.09 10.82
N TYR C 115 21.09 2.10 11.16
CA TYR C 115 20.84 1.59 12.50
C TYR C 115 20.09 2.58 13.39
N TYR C 116 20.53 3.83 13.41
CA TYR C 116 20.11 4.77 14.45
C TYR C 116 18.99 5.69 14.00
N TYR C 117 18.39 5.46 12.82
CA TYR C 117 17.53 6.47 12.20
C TYR C 117 16.10 5.98 11.99
N GLY C 118 15.63 5.07 12.83
CA GLY C 118 14.26 4.61 12.78
C GLY C 118 14.02 3.62 11.65
N MET C 119 12.73 3.36 11.39
CA MET C 119 12.28 2.40 10.38
C MET C 119 11.27 3.05 9.46
N ASP C 120 11.56 3.06 8.17
CA ASP C 120 10.77 3.83 7.23
C ASP C 120 9.63 3.04 6.59
N VAL C 121 9.79 1.73 6.41
CA VAL C 121 8.83 0.94 5.67
C VAL C 121 8.37 -0.21 6.53
N TRP C 122 7.05 -0.43 6.61
CA TRP C 122 6.43 -1.38 7.53
C TRP C 122 5.47 -2.29 6.78
N GLY C 123 5.46 -3.58 7.15
CA GLY C 123 4.46 -4.48 6.65
C GLY C 123 3.07 -4.13 7.16
N GLN C 124 2.05 -4.70 6.51
CA GLN C 124 0.68 -4.40 6.90
C GLN C 124 0.30 -5.04 8.24
N GLY C 125 1.07 -6.00 8.72
CA GLY C 125 0.75 -6.56 10.02
C GLY C 125 0.17 -7.96 9.87
N THR C 126 0.54 -8.85 10.78
CA THR C 126 0.03 -10.21 10.79
C THR C 126 -0.47 -10.54 12.19
N THR C 127 -1.73 -10.94 12.28
CA THR C 127 -2.32 -11.30 13.57
C THR C 127 -1.88 -12.69 14.00
N VAL C 128 -1.48 -12.82 15.26
CA VAL C 128 -1.20 -14.12 15.86
C VAL C 128 -2.03 -14.27 17.13
N THR C 129 -2.81 -15.34 17.21
CA THR C 129 -3.68 -15.62 18.34
C THR C 129 -3.30 -16.96 18.96
N VAL C 130 -2.75 -16.92 20.17
CA VAL C 130 -2.29 -18.13 20.87
C VAL C 130 -3.42 -18.59 21.77
N SER C 131 -4.16 -19.60 21.33
CA SER C 131 -5.31 -20.08 22.10
C SER C 131 -5.52 -21.57 21.85
N SER C 132 -6.11 -22.23 22.84
CA SER C 132 -6.57 -23.61 22.75
C SER C 132 -8.00 -23.74 22.23
N ALA C 133 -8.68 -22.63 21.94
CA ALA C 133 -10.09 -22.71 21.59
C ALA C 133 -10.28 -23.36 20.22
N SER C 134 -11.46 -23.94 20.02
CA SER C 134 -11.86 -24.54 18.75
C SER C 134 -12.73 -23.56 17.97
N THR C 135 -12.69 -23.68 16.64
CA THR C 135 -13.52 -22.83 15.79
C THR C 135 -15.00 -23.01 16.12
N LYS C 136 -15.75 -21.92 16.05
CA LYS C 136 -17.18 -21.97 16.42
C LYS C 136 -17.89 -20.71 15.94
N GLY C 137 -19.03 -20.89 15.26
CA GLY C 137 -19.89 -19.79 14.89
C GLY C 137 -20.60 -19.23 16.13
N PRO C 138 -21.07 -18.00 16.03
CA PRO C 138 -21.71 -17.37 17.18
C PRO C 138 -23.17 -17.78 17.33
N SER C 139 -23.66 -17.65 18.56
CA SER C 139 -25.10 -17.57 18.84
C SER C 139 -25.53 -16.10 18.76
N VAL C 140 -26.68 -15.85 18.14
CA VAL C 140 -27.13 -14.49 17.86
C VAL C 140 -28.47 -14.26 18.59
N PHE C 141 -28.48 -13.32 19.54
CA PHE C 141 -29.67 -13.09 20.35
C PHE C 141 -30.16 -11.66 20.20
N PRO C 142 -31.47 -11.43 20.29
CA PRO C 142 -31.99 -10.06 20.16
C PRO C 142 -31.70 -9.20 21.39
N LEU C 143 -31.48 -7.92 21.14
CA LEU C 143 -31.51 -6.89 22.17
C LEU C 143 -32.77 -6.08 21.90
N ALA C 144 -33.83 -6.41 22.62
CA ALA C 144 -35.10 -5.88 22.14
C ALA C 144 -35.41 -4.54 22.80
N PRO C 145 -35.96 -3.61 22.03
CA PRO C 145 -36.38 -2.32 22.59
C PRO C 145 -37.55 -2.50 23.55
N SER C 146 -37.48 -1.84 24.70
CA SER C 146 -38.55 -1.97 25.67
C SER C 146 -39.77 -1.17 25.23
N SER C 147 -40.95 -1.80 25.31
CA SER C 147 -42.21 -1.08 25.14
C SER C 147 -42.42 -0.07 26.27
N LYS C 148 -42.01 -0.44 27.48
CA LYS C 148 -42.08 0.45 28.64
C LYS C 148 -40.99 1.53 28.54
N SER C 149 -41.16 2.39 27.51
CA SER C 149 -40.24 3.49 27.24
C SER C 149 -41.03 4.79 27.06
N THR C 150 -42.10 4.71 26.24
CA THR C 150 -43.08 5.76 25.98
C THR C 150 -42.48 7.10 25.58
N SER C 151 -43.35 8.09 25.32
CA SER C 151 -43.05 9.49 25.03
C SER C 151 -41.78 9.72 24.21
N GLY C 152 -40.62 9.34 24.77
CA GLY C 152 -39.30 9.56 24.20
C GLY C 152 -39.17 9.18 22.73
N GLY C 153 -38.52 10.05 21.95
CA GLY C 153 -38.52 9.94 20.50
C GLY C 153 -37.67 8.82 19.93
N THR C 154 -36.66 8.37 20.67
CA THR C 154 -35.65 7.45 20.12
C THR C 154 -35.72 6.10 20.83
N ALA C 155 -35.59 5.02 20.07
CA ALA C 155 -35.50 3.68 20.62
C ALA C 155 -34.19 3.04 20.22
N ALA C 156 -33.67 2.16 21.07
CA ALA C 156 -32.48 1.39 20.76
C ALA C 156 -32.85 -0.09 20.66
N LEU C 157 -32.25 -0.77 19.69
CA LEU C 157 -32.39 -2.21 19.56
C LEU C 157 -31.06 -2.75 19.08
N GLY C 158 -30.89 -4.07 19.12
CA GLY C 158 -29.61 -4.61 18.71
C GLY C 158 -29.59 -6.12 18.60
N CYS C 159 -28.37 -6.65 18.50
CA CYS C 159 -28.10 -8.08 18.44
C CYS C 159 -26.86 -8.40 19.28
N LEU C 160 -26.97 -9.40 20.14
CA LEU C 160 -25.83 -9.90 20.90
C LEU C 160 -25.23 -11.10 20.15
N VAL C 161 -23.97 -10.98 19.80
CA VAL C 161 -23.23 -12.00 19.07
C VAL C 161 -22.23 -12.62 20.06
N LYS C 162 -22.57 -13.80 20.57
CA LYS C 162 -21.88 -14.39 21.72
C LYS C 162 -21.22 -15.72 21.35
N ASP C 163 -20.04 -15.95 21.94
CA ASP C 163 -19.39 -17.27 21.97
C ASP C 163 -19.03 -17.75 20.56
N TYR C 164 -18.12 -17.02 19.93
CA TYR C 164 -17.57 -17.44 18.67
C TYR C 164 -16.04 -17.38 18.77
N PHE C 165 -15.39 -18.15 17.91
CA PHE C 165 -13.93 -18.18 17.84
C PHE C 165 -13.56 -18.66 16.44
N PRO C 166 -12.58 -18.04 15.79
CA PRO C 166 -11.85 -16.84 16.23
C PRO C 166 -12.47 -15.56 15.66
N GLU C 167 -11.85 -14.41 15.92
CA GLU C 167 -12.25 -13.18 15.24
C GLU C 167 -11.96 -13.32 13.74
N PRO C 168 -12.69 -12.59 12.89
CA PRO C 168 -13.75 -11.66 13.27
C PRO C 168 -15.14 -12.16 12.88
N VAL C 169 -16.17 -11.53 13.44
CA VAL C 169 -17.51 -11.58 12.84
C VAL C 169 -17.76 -10.22 12.21
N THR C 170 -18.67 -10.21 11.24
CA THR C 170 -19.19 -8.98 10.67
C THR C 170 -20.70 -8.94 10.84
N VAL C 171 -21.22 -7.74 11.05
CA VAL C 171 -22.64 -7.51 11.30
C VAL C 171 -23.13 -6.39 10.41
N SER C 172 -24.25 -6.63 9.72
CA SER C 172 -24.95 -5.57 9.00
C SER C 172 -26.40 -5.60 9.44
N TRP C 173 -27.11 -4.50 9.16
CA TRP C 173 -28.52 -4.40 9.51
C TRP C 173 -29.35 -4.25 8.24
N ASN C 174 -30.44 -5.01 8.16
CA ASN C 174 -31.32 -5.02 6.99
C ASN C 174 -30.50 -5.18 5.71
N SER C 175 -29.58 -6.14 5.75
CA SER C 175 -28.75 -6.52 4.61
C SER C 175 -27.94 -5.34 4.06
N GLY C 176 -27.68 -4.34 4.91
CA GLY C 176 -26.86 -3.20 4.54
C GLY C 176 -27.62 -1.91 4.31
N ALA C 177 -28.95 -1.96 4.27
CA ALA C 177 -29.77 -0.76 4.09
C ALA C 177 -29.90 0.08 5.35
N LEU C 178 -29.44 -0.40 6.50
CA LEU C 178 -29.51 0.35 7.75
C LEU C 178 -28.08 0.54 8.26
N THR C 179 -27.59 1.77 8.24
CA THR C 179 -26.25 2.04 8.76
C THR C 179 -26.24 3.25 9.70
N SER C 180 -27.14 4.20 9.48
CA SER C 180 -27.22 5.37 10.34
C SER C 180 -27.49 4.96 11.78
N GLY C 181 -26.64 5.41 12.68
CA GLY C 181 -26.82 5.13 14.09
C GLY C 181 -26.42 3.75 14.52
N VAL C 182 -25.81 2.96 13.63
CA VAL C 182 -25.36 1.63 14.02
C VAL C 182 -24.04 1.77 14.76
N HIS C 183 -23.93 1.12 15.90
CA HIS C 183 -22.65 0.95 16.59
C HIS C 183 -22.44 -0.54 16.79
N THR C 184 -21.35 -1.05 16.22
CA THR C 184 -20.94 -2.43 16.40
C THR C 184 -19.67 -2.43 17.24
N PHE C 185 -19.74 -3.03 18.42
CA PHE C 185 -18.64 -2.83 19.35
C PHE C 185 -17.49 -3.77 19.06
N PRO C 186 -16.26 -3.35 19.40
CA PRO C 186 -15.15 -4.30 19.44
C PRO C 186 -15.52 -5.56 20.21
N ALA C 187 -15.10 -6.70 19.67
CA ALA C 187 -15.23 -7.97 20.39
C ALA C 187 -14.44 -7.94 21.70
N VAL C 188 -14.97 -8.62 22.70
CA VAL C 188 -14.28 -8.83 23.97
C VAL C 188 -14.02 -10.32 24.08
N LEU C 189 -12.84 -10.67 24.60
CA LEU C 189 -12.49 -12.07 24.84
C LEU C 189 -13.01 -12.45 26.24
N GLN C 190 -13.86 -13.45 26.29
CA GLN C 190 -14.43 -13.89 27.54
C GLN C 190 -13.53 -14.91 28.22
N SER C 191 -13.78 -15.14 29.52
CA SER C 191 -12.98 -16.09 30.29
C SER C 191 -13.10 -17.52 29.74
N SER C 192 -14.11 -17.80 28.95
CA SER C 192 -14.28 -19.05 28.23
C SER C 192 -13.32 -19.21 27.06
N GLY C 193 -12.50 -18.22 26.76
CA GLY C 193 -11.71 -18.25 25.54
C GLY C 193 -12.46 -17.90 24.29
N LEU C 194 -13.76 -17.63 24.38
CA LEU C 194 -14.59 -17.28 23.23
C LEU C 194 -14.83 -15.77 23.19
N TYR C 195 -15.05 -15.25 21.98
CA TYR C 195 -15.34 -13.83 21.78
C TYR C 195 -16.84 -13.58 21.82
N SER C 196 -17.21 -12.33 22.11
CA SER C 196 -18.58 -11.87 22.17
C SER C 196 -18.65 -10.39 21.81
N LEU C 197 -19.74 -9.96 21.19
CA LEU C 197 -19.93 -8.53 20.96
C LEU C 197 -21.40 -8.26 20.73
N SER C 198 -21.76 -6.96 20.74
CA SER C 198 -23.10 -6.51 20.40
C SER C 198 -23.04 -5.46 19.32
N SER C 199 -24.06 -5.48 18.46
CA SER C 199 -24.33 -4.45 17.47
C SER C 199 -25.68 -3.84 17.80
N VAL C 200 -25.73 -2.51 17.90
CA VAL C 200 -26.92 -1.79 18.31
C VAL C 200 -27.22 -0.71 17.28
N VAL C 201 -28.46 -0.25 17.28
CA VAL C 201 -28.83 0.85 16.41
C VAL C 201 -29.97 1.62 17.09
N THR C 202 -29.92 2.94 16.97
CA THR C 202 -30.99 3.81 17.44
C THR C 202 -31.88 4.19 16.27
N VAL C 203 -33.18 4.16 16.50
CA VAL C 203 -34.19 4.36 15.45
C VAL C 203 -35.31 5.21 16.04
N PRO C 204 -36.14 5.80 15.17
CA PRO C 204 -37.32 6.50 15.70
C PRO C 204 -38.27 5.51 16.34
N SER C 205 -38.71 5.83 17.56
CA SER C 205 -39.59 4.91 18.27
C SER C 205 -40.91 4.70 17.53
N SER C 206 -41.33 5.68 16.73
CA SER C 206 -42.54 5.50 15.91
C SER C 206 -42.38 4.43 14.85
N SER C 207 -41.15 4.04 14.50
CA SER C 207 -40.92 3.00 13.51
C SER C 207 -41.05 1.59 14.10
N LEU C 208 -40.99 1.45 15.41
CA LEU C 208 -41.15 0.15 16.01
C LEU C 208 -42.53 -0.41 15.65
N GLY C 209 -42.57 -1.65 15.20
CA GLY C 209 -43.82 -2.25 14.81
C GLY C 209 -44.33 -1.84 13.44
N THR C 210 -43.62 -0.97 12.73
CA THR C 210 -43.95 -0.68 11.34
C THR C 210 -42.80 -0.94 10.38
N GLN C 211 -41.55 -0.98 10.88
CA GLN C 211 -40.39 -1.33 10.09
C GLN C 211 -39.77 -2.61 10.66
N THR C 212 -39.27 -3.47 9.76
CA THR C 212 -38.57 -4.67 10.18
C THR C 212 -37.09 -4.38 10.45
N TYR C 213 -36.56 -4.97 11.52
CA TYR C 213 -35.14 -4.86 11.85
C TYR C 213 -34.53 -6.25 11.97
N ILE C 214 -33.63 -6.58 11.05
CA ILE C 214 -32.91 -7.85 11.03
C ILE C 214 -31.42 -7.53 11.04
N CYS C 215 -30.67 -8.20 11.91
CA CYS C 215 -29.23 -8.09 11.87
C CYS C 215 -28.67 -9.29 11.12
N ASN C 216 -27.65 -9.04 10.31
CA ASN C 216 -27.04 -10.07 9.46
C ASN C 216 -25.63 -10.31 9.96
N VAL C 217 -25.39 -11.47 10.56
CA VAL C 217 -24.12 -11.80 11.18
C VAL C 217 -23.42 -12.86 10.32
N ASN C 218 -22.13 -12.65 10.06
CA ASN C 218 -21.34 -13.61 9.28
C ASN C 218 -20.05 -13.92 10.00
N HIS C 219 -19.74 -15.21 10.14
CA HIS C 219 -18.49 -15.67 10.72
C HIS C 219 -17.79 -16.57 9.69
N LYS C 220 -16.92 -15.96 8.88
CA LYS C 220 -16.27 -16.70 7.79
C LYS C 220 -15.50 -17.92 8.27
N PRO C 221 -14.67 -17.85 9.33
CA PRO C 221 -13.96 -19.06 9.77
C PRO C 221 -14.80 -20.30 9.94
N SER C 222 -16.09 -20.16 10.27
CA SER C 222 -16.98 -21.32 10.44
C SER C 222 -18.09 -21.38 9.40
N ASN C 223 -18.09 -20.47 8.41
CA ASN C 223 -19.07 -20.48 7.32
C ASN C 223 -20.49 -20.26 7.83
N THR C 224 -20.64 -19.37 8.81
CA THR C 224 -21.92 -19.04 9.42
C THR C 224 -22.45 -17.76 8.79
N LYS C 225 -23.74 -17.77 8.42
CA LYS C 225 -24.47 -16.59 7.94
C LYS C 225 -25.86 -16.66 8.59
N VAL C 226 -25.98 -16.09 9.79
CA VAL C 226 -27.22 -16.09 10.56
C VAL C 226 -27.91 -14.73 10.42
N ASP C 227 -29.21 -14.74 10.15
CA ASP C 227 -30.05 -13.56 10.25
C ASP C 227 -30.90 -13.67 11.51
N LYS C 228 -31.10 -12.55 12.21
CA LYS C 228 -31.90 -12.57 13.42
C LYS C 228 -32.80 -11.36 13.43
N LYS C 229 -34.11 -11.61 13.48
CA LYS C 229 -35.12 -10.56 13.47
C LYS C 229 -35.37 -10.09 14.90
N VAL C 230 -35.21 -8.79 15.13
CA VAL C 230 -35.30 -8.22 16.48
C VAL C 230 -36.62 -7.48 16.58
N GLU C 231 -37.47 -7.93 17.49
CA GLU C 231 -38.85 -7.46 17.66
C GLU C 231 -39.07 -6.94 19.08
N PRO C 232 -40.02 -6.03 19.28
CA PRO C 232 -40.37 -5.64 20.65
C PRO C 232 -40.92 -6.83 21.43
N LYS C 233 -40.58 -6.89 22.71
CA LYS C 233 -41.19 -7.91 23.56
C LYS C 233 -42.56 -7.46 24.07
N SER C 234 -43.38 -8.43 24.44
CA SER C 234 -44.83 -8.29 24.52
C SER C 234 -45.41 -8.53 25.91
N CYS C 235 -45.03 -9.62 26.58
CA CYS C 235 -45.76 -10.14 27.76
C CYS C 235 -46.22 -9.06 28.74
N ASP D 1 16.32 -1.06 31.47
CA ASP D 1 17.23 -1.16 30.34
C ASP D 1 16.92 -0.05 29.32
N ILE D 2 17.19 1.19 29.72
CA ILE D 2 16.73 2.41 29.07
C ILE D 2 15.21 2.39 28.94
N VAL D 3 14.54 3.05 29.87
CA VAL D 3 13.10 3.18 29.85
C VAL D 3 12.74 4.49 29.19
N MET D 4 11.86 4.43 28.19
CA MET D 4 11.30 5.63 27.56
C MET D 4 9.94 5.88 28.18
N THR D 5 9.75 7.05 28.78
CA THR D 5 8.50 7.41 29.42
C THR D 5 7.91 8.61 28.69
N GLN D 6 6.75 8.41 28.08
CA GLN D 6 6.04 9.42 27.30
C GLN D 6 5.00 10.11 28.16
N SER D 7 4.78 11.42 27.94
CA SER D 7 3.63 12.02 28.59
C SER D 7 3.06 13.14 27.74
N PRO D 8 1.77 13.47 27.91
CA PRO D 8 0.84 12.71 28.75
C PRO D 8 0.47 11.39 28.07
N SER D 9 -0.20 10.48 28.76
CA SER D 9 -0.67 9.27 28.09
C SER D 9 -1.85 9.56 27.17
N PHE D 10 -2.68 10.54 27.53
CA PHE D 10 -3.83 10.92 26.72
C PHE D 10 -3.87 12.45 26.60
N LEU D 11 -4.25 12.94 25.42
CA LEU D 11 -4.56 14.36 25.31
C LEU D 11 -5.68 14.55 24.30
N SER D 12 -6.52 15.53 24.59
CA SER D 12 -7.65 15.89 23.74
C SER D 12 -7.37 17.27 23.17
N ALA D 13 -7.63 17.43 21.87
CA ALA D 13 -7.39 18.73 21.27
C ALA D 13 -8.30 18.86 20.05
N SER D 14 -8.48 20.10 19.61
CA SER D 14 -9.33 20.37 18.46
C SER D 14 -8.48 20.66 17.25
N VAL D 15 -9.11 20.56 16.07
CA VAL D 15 -8.45 20.93 14.81
C VAL D 15 -7.99 22.39 14.89
N GLY D 16 -6.77 22.63 14.45
CA GLY D 16 -6.17 23.95 14.53
C GLY D 16 -5.34 24.18 15.78
N ASP D 17 -5.49 23.36 16.81
CA ASP D 17 -4.69 23.50 18.01
C ASP D 17 -3.22 23.16 17.75
N ARG D 18 -2.35 23.68 18.62
CA ARG D 18 -0.94 23.29 18.69
C ARG D 18 -0.75 22.39 19.89
N VAL D 19 -0.06 21.27 19.71
CA VAL D 19 0.02 20.26 20.76
C VAL D 19 1.46 19.77 20.87
N THR D 20 1.87 19.40 22.10
CA THR D 20 3.22 18.96 22.39
C THR D 20 3.18 17.64 23.16
N ILE D 21 4.00 16.67 22.75
CA ILE D 21 4.11 15.38 23.41
C ILE D 21 5.55 15.19 23.84
N THR D 22 5.75 14.60 25.02
CA THR D 22 7.07 14.52 25.63
C THR D 22 7.53 13.08 25.74
N CYS D 23 8.84 12.86 25.57
CA CYS D 23 9.47 11.57 25.74
C CYS D 23 10.72 11.77 26.58
N ARG D 24 10.82 11.07 27.70
CA ARG D 24 12.03 11.16 28.51
C ARG D 24 12.74 9.81 28.52
N ALA D 25 14.05 9.86 28.37
CA ALA D 25 14.90 8.69 28.43
C ALA D 25 15.52 8.59 29.81
N SER D 26 15.56 7.38 30.36
CA SER D 26 16.11 7.20 31.70
C SER D 26 17.62 7.42 31.73
N GLN D 27 18.28 7.50 30.58
CA GLN D 27 19.67 7.94 30.49
C GLN D 27 19.91 8.47 29.08
N GLY D 28 21.03 9.17 28.92
CA GLY D 28 21.35 9.85 27.67
C GLY D 28 21.28 8.94 26.44
N ILE D 29 20.57 9.39 25.40
CA ILE D 29 20.50 8.69 24.13
C ILE D 29 20.97 9.58 22.98
N ASP D 30 21.79 10.60 23.30
CA ASP D 30 22.25 11.56 22.31
C ASP D 30 21.05 12.13 21.56
N ARG D 31 20.94 11.87 20.27
CA ARG D 31 19.77 12.33 19.53
C ARG D 31 19.06 11.20 18.78
N TYR D 32 19.30 9.94 19.18
CA TYR D 32 18.87 8.80 18.38
C TYR D 32 17.48 8.33 18.83
N LEU D 33 16.52 9.21 18.60
CA LEU D 33 15.13 9.00 18.97
C LEU D 33 14.24 9.24 17.74
N ALA D 34 13.29 8.35 17.50
CA ALA D 34 12.32 8.52 16.42
C ALA D 34 10.90 8.59 16.96
N TRP D 35 10.00 9.18 16.16
CA TRP D 35 8.59 9.30 16.49
C TRP D 35 7.74 8.63 15.41
N TYR D 36 6.66 7.98 15.84
CA TYR D 36 5.77 7.27 14.93
C TYR D 36 4.33 7.65 15.23
N GLN D 37 3.53 7.65 14.18
CA GLN D 37 2.09 7.77 14.29
C GLN D 37 1.48 6.40 14.00
N GLN D 38 0.42 6.05 14.74
CA GLN D 38 -0.31 4.83 14.44
C GLN D 38 -1.80 5.06 14.63
N LYS D 39 -2.59 4.56 13.67
CA LYS D 39 -4.03 4.52 13.80
C LYS D 39 -4.51 3.07 13.90
N PRO D 40 -5.67 2.82 14.52
CA PRO D 40 -6.08 1.44 14.73
C PRO D 40 -6.18 0.70 13.39
N GLY D 41 -5.65 -0.53 13.39
CA GLY D 41 -5.75 -1.38 12.23
C GLY D 41 -4.74 -1.11 11.14
N SER D 42 -3.75 -0.26 11.37
CA SER D 42 -2.72 -0.06 10.38
C SER D 42 -1.36 0.09 11.06
N ALA D 43 -0.31 0.03 10.22
CA ALA D 43 1.07 0.01 10.65
C ALA D 43 1.50 1.40 11.11
N PRO D 44 2.44 1.48 12.04
CA PRO D 44 3.04 2.77 12.39
C PRO D 44 3.63 3.45 11.17
N LYS D 45 3.57 4.77 11.17
CA LYS D 45 4.21 5.61 10.16
C LYS D 45 5.34 6.39 10.83
N LEU D 46 6.52 6.38 10.21
CA LEU D 46 7.64 7.18 10.68
C LEU D 46 7.41 8.65 10.41
N LEU D 47 7.54 9.47 11.45
CA LEU D 47 7.39 10.90 11.32
C LEU D 47 8.71 11.65 11.38
N ILE D 48 9.52 11.36 12.42
CA ILE D 48 10.70 12.12 12.77
C ILE D 48 11.77 11.11 13.19
N TYR D 49 13.02 11.36 12.80
CA TYR D 49 14.13 10.54 13.28
C TYR D 49 15.30 11.47 13.57
N ALA D 50 16.30 10.92 14.27
CA ALA D 50 17.42 11.72 14.76
C ALA D 50 16.90 12.94 15.51
N ALA D 51 15.78 12.75 16.22
CA ALA D 51 15.17 13.71 17.14
C ALA D 51 14.49 14.87 16.44
N SER D 52 15.05 15.32 15.31
CA SER D 52 14.52 16.53 14.69
C SER D 52 14.37 16.49 13.17
N THR D 53 14.79 15.43 12.48
CA THR D 53 14.71 15.51 11.02
C THR D 53 13.41 14.85 10.54
N LEU D 54 12.65 15.63 9.78
CA LEU D 54 11.34 15.23 9.29
C LEU D 54 11.46 14.18 8.21
N GLN D 55 10.76 13.06 8.38
CA GLN D 55 10.76 12.03 7.36
C GLN D 55 10.11 12.57 6.09
N SER D 56 10.67 12.19 4.95
CA SER D 56 10.18 12.65 3.66
C SER D 56 8.72 12.27 3.45
N GLY D 57 7.92 13.22 2.98
CA GLY D 57 6.50 13.04 2.79
C GLY D 57 5.65 13.35 4.00
N VAL D 58 6.26 13.69 5.13
CA VAL D 58 5.51 14.03 6.34
C VAL D 58 5.26 15.55 6.31
N PRO D 59 4.03 16.01 6.60
CA PRO D 59 3.77 17.46 6.57
C PRO D 59 4.57 18.19 7.63
N SER D 60 4.98 19.42 7.29
CA SER D 60 5.93 20.16 8.12
C SER D 60 5.33 20.73 9.38
N ARG D 61 4.03 20.56 9.62
CA ARG D 61 3.46 20.89 10.92
C ARG D 61 3.94 19.94 12.02
N PHE D 62 4.55 18.81 11.68
CA PHE D 62 5.19 17.95 12.67
C PHE D 62 6.63 18.42 12.86
N SER D 63 7.04 18.64 14.09
CA SER D 63 8.45 18.92 14.35
C SER D 63 8.84 18.27 15.66
N GLY D 64 10.11 17.92 15.75
CA GLY D 64 10.65 17.31 16.94
C GLY D 64 11.86 18.07 17.39
N SER D 65 12.11 18.03 18.69
CA SER D 65 13.32 18.66 19.24
C SER D 65 13.74 17.89 20.48
N GLY D 66 14.86 18.32 21.06
CA GLY D 66 15.42 17.69 22.24
C GLY D 66 16.70 16.95 21.93
N SER D 67 17.33 16.45 23.00
CA SER D 67 18.61 15.75 22.99
C SER D 67 18.85 15.17 24.38
N GLU D 68 19.73 14.17 24.45
CA GLU D 68 20.10 13.50 25.68
C GLU D 68 18.94 12.71 26.29
N THR D 69 18.21 13.29 27.24
CA THR D 69 17.14 12.56 27.94
C THR D 69 15.75 13.13 27.72
N ASP D 70 15.57 14.27 27.05
CA ASP D 70 14.25 14.89 26.97
C ASP D 70 13.92 15.35 25.56
N PHE D 71 12.76 14.90 25.06
CA PHE D 71 12.41 15.10 23.65
C PHE D 71 10.95 15.48 23.55
N THR D 72 10.62 16.23 22.50
CA THR D 72 9.24 16.66 22.29
C THR D 72 8.88 16.53 20.81
N LEU D 73 7.65 16.10 20.56
CA LEU D 73 7.03 16.18 19.25
C LEU D 73 5.96 17.26 19.33
N THR D 74 6.04 18.22 18.43
CA THR D 74 5.07 19.31 18.34
C THR D 74 4.26 19.17 17.06
N ILE D 75 2.93 19.27 17.17
CA ILE D 75 2.05 19.39 16.01
C ILE D 75 1.46 20.78 16.06
N SER D 76 1.76 21.61 15.04
CA SER D 76 1.59 23.04 15.20
C SER D 76 0.17 23.53 14.92
N SER D 77 -0.55 22.89 14.00
CA SER D 77 -1.93 23.28 13.72
C SER D 77 -2.66 22.00 13.33
N LEU D 78 -3.19 21.31 14.33
CA LEU D 78 -3.77 19.99 14.18
C LEU D 78 -4.80 19.94 13.06
N GLN D 79 -4.68 18.90 12.21
CA GLN D 79 -5.61 18.56 11.13
C GLN D 79 -6.34 17.25 11.44
N PRO D 80 -7.46 16.97 10.77
CA PRO D 80 -8.22 15.73 11.08
C PRO D 80 -7.41 14.44 10.94
N ASP D 81 -6.48 14.39 9.97
CA ASP D 81 -5.61 13.22 9.79
C ASP D 81 -4.68 12.97 10.99
N ASP D 82 -4.53 13.92 11.92
CA ASP D 82 -3.50 13.79 12.94
C ASP D 82 -3.97 13.08 14.22
N PHE D 83 -5.25 12.84 14.38
CA PHE D 83 -5.70 12.20 15.61
C PHE D 83 -5.38 10.71 15.54
N ALA D 84 -4.64 10.21 16.52
CA ALA D 84 -3.96 8.91 16.42
C ALA D 84 -3.15 8.67 17.69
N THR D 85 -2.44 7.54 17.76
CA THR D 85 -1.50 7.30 18.84
C THR D 85 -0.08 7.53 18.36
N TYR D 86 0.72 8.21 19.19
CA TYR D 86 2.10 8.56 18.85
C TYR D 86 3.05 7.80 19.77
N TYR D 87 4.11 7.20 19.20
CA TYR D 87 5.14 6.49 19.97
C TYR D 87 6.50 7.10 19.73
N CYS D 88 7.25 7.30 20.80
CA CYS D 88 8.67 7.54 20.62
C CYS D 88 9.42 6.23 20.70
N GLN D 89 10.65 6.24 20.21
CA GLN D 89 11.45 5.04 20.05
C GLN D 89 12.92 5.44 20.13
N GLN D 90 13.69 4.80 21.03
CA GLN D 90 15.13 5.09 21.11
C GLN D 90 15.91 3.99 20.40
N LEU D 91 16.96 4.40 19.68
CA LEU D 91 17.83 3.45 19.02
C LEU D 91 19.28 3.56 19.50
N SER D 92 19.54 4.40 20.51
CA SER D 92 20.90 4.57 21.06
C SER D 92 21.54 3.24 21.44
N THR D 93 20.76 2.32 22.02
CA THR D 93 21.28 1.05 22.50
C THR D 93 21.23 -0.05 21.44
N TYR D 94 21.16 0.32 20.16
CA TYR D 94 21.26 -0.62 19.05
C TYR D 94 22.34 -1.67 19.29
N PRO D 95 22.07 -2.98 19.10
CA PRO D 95 20.89 -3.59 18.50
C PRO D 95 19.70 -3.84 19.42
N THR D 96 19.64 -3.19 20.59
CA THR D 96 18.45 -3.27 21.43
C THR D 96 17.69 -1.96 21.26
N ILE D 97 16.40 -2.09 20.95
CA ILE D 97 15.51 -0.95 20.70
C ILE D 97 14.33 -1.01 21.67
N THR D 98 13.90 0.15 22.15
CA THR D 98 12.74 0.22 23.02
C THR D 98 11.85 1.38 22.59
N PHE D 99 10.55 1.22 22.82
CA PHE D 99 9.50 2.19 22.54
C PHE D 99 8.99 2.86 23.82
N GLY D 100 8.61 4.12 23.71
CA GLY D 100 7.76 4.71 24.73
C GLY D 100 6.39 4.03 24.74
N GLN D 101 5.59 4.29 25.77
CA GLN D 101 4.34 3.56 25.89
C GLN D 101 3.18 4.20 25.12
N GLY D 102 3.39 5.34 24.49
CA GLY D 102 2.34 5.83 23.60
C GLY D 102 1.54 6.98 24.19
N THR D 103 1.12 7.90 23.31
CA THR D 103 0.28 9.03 23.66
C THR D 103 -0.91 9.02 22.72
N ARG D 104 -2.12 8.90 23.28
CA ARG D 104 -3.33 8.87 22.46
C ARG D 104 -3.87 10.28 22.32
N LEU D 105 -4.01 10.73 21.08
CA LEU D 105 -4.45 12.09 20.75
C LEU D 105 -5.84 11.98 20.14
N GLU D 106 -6.86 12.40 20.88
CA GLU D 106 -8.24 12.31 20.44
C GLU D 106 -8.85 13.71 20.34
N ILE D 107 -10.07 13.78 19.82
CA ILE D 107 -10.67 15.04 19.41
C ILE D 107 -11.45 15.61 20.60
N LYS D 108 -11.09 16.83 21.00
CA LYS D 108 -11.86 17.58 21.97
C LYS D 108 -13.08 18.17 21.28
N ARG D 109 -14.26 17.88 21.82
CA ARG D 109 -15.51 18.46 21.36
C ARG D 109 -16.30 18.91 22.58
N THR D 110 -17.49 19.45 22.34
CA THR D 110 -18.33 19.85 23.46
C THR D 110 -18.83 18.63 24.22
N VAL D 111 -19.17 18.85 25.49
CA VAL D 111 -19.71 17.77 26.32
C VAL D 111 -21.01 17.29 25.72
N ALA D 112 -21.19 15.95 25.75
CA ALA D 112 -22.41 15.31 25.26
C ALA D 112 -22.78 14.18 26.22
N ALA D 113 -23.92 14.34 26.90
CA ALA D 113 -24.39 13.31 27.81
C ALA D 113 -24.75 12.04 27.04
N PRO D 114 -24.48 10.86 27.59
CA PRO D 114 -24.95 9.63 26.94
C PRO D 114 -26.45 9.48 27.06
N SER D 115 -27.08 8.98 25.98
CA SER D 115 -28.38 8.32 26.08
C SER D 115 -28.15 6.90 26.56
N VAL D 116 -28.95 6.45 27.54
CA VAL D 116 -28.73 5.15 28.17
C VAL D 116 -29.92 4.24 27.89
N PHE D 117 -29.64 2.97 27.53
CA PHE D 117 -30.66 1.96 27.33
C PHE D 117 -30.21 0.66 27.99
N ILE D 118 -31.17 -0.11 28.50
CA ILE D 118 -30.88 -1.40 29.14
C ILE D 118 -31.70 -2.49 28.46
N PHE D 119 -31.08 -3.64 28.25
CA PHE D 119 -31.68 -4.75 27.52
C PHE D 119 -31.73 -6.00 28.39
N PRO D 120 -32.91 -6.54 28.67
CA PRO D 120 -33.00 -7.81 29.38
C PRO D 120 -32.44 -8.95 28.53
N PRO D 121 -32.09 -10.07 29.14
CA PRO D 121 -31.70 -11.25 28.36
C PRO D 121 -32.88 -11.78 27.56
N SER D 122 -32.59 -12.32 26.38
CA SER D 122 -33.67 -12.86 25.58
C SER D 122 -34.20 -14.16 26.19
N ASP D 123 -35.46 -14.46 25.90
CA ASP D 123 -35.98 -15.78 26.25
C ASP D 123 -35.16 -16.88 25.57
N GLU D 124 -34.76 -16.66 24.32
CA GLU D 124 -33.99 -17.66 23.59
C GLU D 124 -32.70 -18.03 24.32
N GLN D 125 -31.94 -17.03 24.77
CA GLN D 125 -30.67 -17.32 25.45
C GLN D 125 -30.91 -17.96 26.82
N LEU D 126 -31.92 -17.49 27.56
CA LEU D 126 -32.17 -18.00 28.90
C LEU D 126 -32.42 -19.51 28.86
N LYS D 127 -33.11 -19.98 27.83
CA LYS D 127 -33.30 -21.41 27.56
C LYS D 127 -32.00 -22.19 27.60
N SER D 128 -30.85 -21.55 27.34
CA SER D 128 -29.58 -22.27 27.27
C SER D 128 -28.81 -22.23 28.58
N GLY D 129 -29.30 -21.50 29.58
CA GLY D 129 -28.66 -21.48 30.88
C GLY D 129 -27.94 -20.21 31.26
N THR D 130 -27.83 -19.23 30.37
CA THR D 130 -27.08 -18.02 30.70
C THR D 130 -27.94 -16.78 30.44
N ALA D 131 -27.73 -15.75 31.27
CA ALA D 131 -28.41 -14.46 31.12
C ALA D 131 -27.39 -13.37 30.86
N SER D 132 -27.45 -12.76 29.67
CA SER D 132 -26.66 -11.58 29.34
C SER D 132 -27.56 -10.35 29.43
N VAL D 133 -27.23 -9.43 30.33
CA VAL D 133 -27.93 -8.15 30.48
C VAL D 133 -27.04 -7.07 29.91
N VAL D 134 -27.56 -6.27 28.98
CA VAL D 134 -26.74 -5.30 28.29
C VAL D 134 -27.19 -3.89 28.64
N CYS D 135 -26.22 -3.03 28.95
CA CYS D 135 -26.47 -1.61 29.13
C CYS D 135 -25.70 -0.84 28.07
N LEU D 136 -26.39 0.07 27.37
CA LEU D 136 -25.81 0.83 26.28
C LEU D 136 -25.76 2.32 26.64
N LEU D 137 -24.58 2.92 26.49
CA LEU D 137 -24.37 4.36 26.54
C LEU D 137 -24.09 4.86 25.14
N ASN D 138 -24.96 5.72 24.61
CA ASN D 138 -24.93 6.08 23.21
C ASN D 138 -24.46 7.52 23.01
N ASN D 139 -23.42 7.69 22.17
CA ASN D 139 -23.02 8.98 21.58
C ASN D 139 -22.72 10.03 22.65
N PHE D 140 -21.66 9.78 23.41
CA PHE D 140 -21.33 10.68 24.51
C PHE D 140 -19.88 11.16 24.40
N TYR D 141 -19.62 12.25 25.11
CA TYR D 141 -18.29 12.83 25.18
C TYR D 141 -18.22 13.66 26.46
N PRO D 142 -17.11 13.60 27.22
CA PRO D 142 -15.89 12.85 26.94
C PRO D 142 -15.98 11.37 27.30
N ARG D 143 -14.85 10.68 27.13
N ARG D 143 -14.86 10.68 27.12
CA ARG D 143 -14.82 9.23 27.20
CA ARG D 143 -14.83 9.22 27.20
C ARG D 143 -15.07 8.70 28.60
C ARG D 143 -15.12 8.72 28.61
N GLU D 144 -14.64 9.44 29.62
CA GLU D 144 -14.75 8.98 31.00
C GLU D 144 -16.22 8.83 31.40
N ALA D 145 -16.56 7.63 31.88
CA ALA D 145 -17.91 7.35 32.33
C ALA D 145 -17.85 6.21 33.34
N LYS D 146 -18.65 6.31 34.40
CA LYS D 146 -18.81 5.22 35.37
C LYS D 146 -20.13 4.52 35.10
N VAL D 147 -20.06 3.21 34.86
CA VAL D 147 -21.25 2.39 34.60
C VAL D 147 -21.28 1.30 35.65
N GLN D 148 -22.29 1.32 36.51
CA GLN D 148 -22.40 0.36 37.60
C GLN D 148 -23.67 -0.46 37.47
N TRP D 149 -23.56 -1.76 37.79
CA TRP D 149 -24.69 -2.67 37.79
C TRP D 149 -25.18 -2.87 39.22
N LYS D 150 -26.48 -2.68 39.44
CA LYS D 150 -27.11 -2.89 40.72
C LYS D 150 -28.25 -3.87 40.55
N VAL D 151 -28.21 -4.97 41.29
CA VAL D 151 -29.19 -6.04 41.23
C VAL D 151 -29.88 -6.10 42.58
N ASP D 152 -31.16 -5.76 42.62
CA ASP D 152 -31.88 -5.56 43.88
C ASP D 152 -31.06 -4.67 44.82
N ASN D 153 -30.52 -3.58 44.28
CA ASN D 153 -29.72 -2.55 44.95
C ASN D 153 -28.33 -3.01 45.36
N ALA D 154 -27.93 -4.23 45.01
CA ALA D 154 -26.60 -4.74 45.36
C ALA D 154 -25.63 -4.44 44.22
N LEU D 155 -24.56 -3.71 44.55
CA LEU D 155 -23.52 -3.40 43.56
C LEU D 155 -22.86 -4.68 43.07
N GLN D 156 -22.79 -4.84 41.76
CA GLN D 156 -22.20 -6.02 41.16
C GLN D 156 -20.70 -5.82 40.98
N SER D 157 -19.94 -6.90 41.15
CA SER D 157 -18.50 -6.84 41.02
C SER D 157 -17.96 -8.05 40.27
N GLY D 158 -17.19 -7.81 39.22
CA GLY D 158 -16.43 -8.85 38.54
C GLY D 158 -17.22 -9.71 37.55
N ASN D 159 -18.49 -9.42 37.32
CA ASN D 159 -19.31 -10.19 36.41
C ASN D 159 -19.85 -9.35 35.25
N SER D 160 -19.14 -8.25 34.91
CA SER D 160 -19.46 -7.44 33.75
C SER D 160 -18.20 -7.10 32.97
N GLN D 161 -18.34 -6.94 31.64
CA GLN D 161 -17.27 -6.48 30.76
C GLN D 161 -17.78 -5.29 29.96
N GLU D 162 -16.91 -4.30 29.75
CA GLU D 162 -17.20 -3.10 28.98
C GLU D 162 -16.48 -3.14 27.64
N SER D 163 -17.07 -2.47 26.66
CA SER D 163 -16.52 -2.34 25.32
C SER D 163 -16.87 -0.95 24.80
N VAL D 164 -15.90 -0.27 24.18
CA VAL D 164 -16.11 1.11 23.75
C VAL D 164 -15.68 1.24 22.28
N THR D 165 -16.45 2.01 21.52
CA THR D 165 -16.11 2.23 20.12
C THR D 165 -14.97 3.23 20.00
N GLU D 166 -14.33 3.22 18.83
CA GLU D 166 -13.44 4.33 18.48
C GLU D 166 -14.26 5.61 18.37
N GLN D 167 -13.59 6.73 18.57
CA GLN D 167 -14.23 8.04 18.37
C GLN D 167 -14.87 8.13 16.99
N ASP D 168 -16.13 8.53 16.97
CA ASP D 168 -16.90 8.53 15.73
C ASP D 168 -16.30 9.51 14.72
N SER D 169 -16.22 9.06 13.46
CA SER D 169 -15.60 9.86 12.41
C SER D 169 -16.38 11.14 12.11
N LYS D 170 -17.67 11.19 12.45
CA LYS D 170 -18.52 12.33 12.10
C LYS D 170 -18.81 13.26 13.27
N ASP D 171 -19.13 12.73 14.45
CA ASP D 171 -19.54 13.59 15.56
C ASP D 171 -18.58 13.54 16.74
N SER D 172 -17.54 12.71 16.69
CA SER D 172 -16.46 12.67 17.67
C SER D 172 -16.90 12.20 19.05
N THR D 173 -18.01 11.46 19.13
CA THR D 173 -18.46 10.87 20.39
C THR D 173 -18.01 9.41 20.49
N TYR D 174 -18.19 8.88 21.68
CA TYR D 174 -17.98 7.48 21.97
C TYR D 174 -19.32 6.83 22.31
N SER D 175 -19.41 5.53 22.07
CA SER D 175 -20.49 4.74 22.63
C SER D 175 -19.87 3.58 23.39
N LEU D 176 -20.63 3.02 24.33
CA LEU D 176 -20.10 2.05 25.27
C LEU D 176 -21.17 1.03 25.57
N SER D 177 -20.78 -0.25 25.56
CA SER D 177 -21.63 -1.33 26.04
C SER D 177 -21.05 -1.89 27.34
N SER D 178 -21.92 -2.18 28.29
CA SER D 178 -21.55 -2.95 29.47
C SER D 178 -22.46 -4.16 29.52
N THR D 179 -21.86 -5.35 29.60
CA THR D 179 -22.61 -6.61 29.58
C THR D 179 -22.39 -7.31 30.91
N LEU D 180 -23.49 -7.55 31.62
CA LEU D 180 -23.50 -8.30 32.87
C LEU D 180 -23.95 -9.72 32.57
N THR D 181 -23.11 -10.71 32.91
CA THR D 181 -23.35 -12.10 32.54
C THR D 181 -23.59 -12.92 33.80
N LEU D 182 -24.75 -13.58 33.86
CA LEU D 182 -25.15 -14.40 34.99
C LEU D 182 -25.59 -15.76 34.49
N SER D 183 -25.47 -16.75 35.35
CA SER D 183 -26.17 -18.00 35.12
C SER D 183 -27.68 -17.77 35.20
N LYS D 184 -28.44 -18.63 34.51
CA LYS D 184 -29.90 -18.52 34.58
C LYS D 184 -30.40 -18.66 36.02
N ALA D 185 -29.78 -19.53 36.80
CA ALA D 185 -30.22 -19.72 38.17
C ALA D 185 -30.03 -18.45 39.00
N ASP D 186 -28.88 -17.76 38.84
CA ASP D 186 -28.65 -16.52 39.56
C ASP D 186 -29.58 -15.40 39.08
N TYR D 187 -29.88 -15.37 37.78
CA TYR D 187 -30.73 -14.31 37.24
C TYR D 187 -32.11 -14.34 37.89
N GLU D 188 -32.65 -15.53 38.13
CA GLU D 188 -34.00 -15.70 38.63
C GLU D 188 -34.09 -15.61 40.15
N LYS D 189 -32.97 -15.41 40.84
CA LYS D 189 -33.04 -15.12 42.27
C LYS D 189 -33.31 -13.66 42.56
N HIS D 190 -33.53 -12.82 41.54
CA HIS D 190 -33.52 -11.38 41.77
C HIS D 190 -34.52 -10.67 40.87
N LYS D 191 -35.05 -9.55 41.36
CA LYS D 191 -36.09 -8.84 40.64
C LYS D 191 -35.56 -7.65 39.84
N VAL D 192 -34.89 -6.71 40.50
CA VAL D 192 -34.58 -5.41 39.90
C VAL D 192 -33.19 -5.46 39.27
N TYR D 193 -33.13 -5.24 37.95
CA TYR D 193 -31.87 -5.10 37.23
C TYR D 193 -31.71 -3.66 36.77
N ALA D 194 -30.62 -3.02 37.20
CA ALA D 194 -30.45 -1.60 36.99
C ALA D 194 -29.02 -1.29 36.55
N CYS D 195 -28.92 -0.42 35.56
CA CYS D 195 -27.66 0.09 35.05
C CYS D 195 -27.56 1.56 35.46
N GLU D 196 -26.47 1.94 36.15
CA GLU D 196 -26.31 3.29 36.68
C GLU D 196 -25.08 3.95 36.04
N VAL D 197 -25.30 5.11 35.42
CA VAL D 197 -24.29 5.80 34.63
C VAL D 197 -23.96 7.14 35.27
N THR D 198 -22.67 7.37 35.51
CA THR D 198 -22.14 8.64 35.98
C THR D 198 -21.34 9.26 34.84
N HIS D 199 -21.68 10.49 34.46
CA HIS D 199 -20.97 11.15 33.36
C HIS D 199 -21.03 12.66 33.52
N GLN D 200 -19.98 13.32 33.01
CA GLN D 200 -19.86 14.76 33.09
C GLN D 200 -21.05 15.49 32.49
N GLY D 201 -21.67 14.92 31.47
CA GLY D 201 -22.80 15.59 30.85
C GLY D 201 -24.13 15.45 31.55
N LEU D 202 -24.21 14.74 32.67
CA LEU D 202 -25.46 14.56 33.39
C LEU D 202 -25.42 15.31 34.73
N SER D 203 -26.56 15.88 35.14
CA SER D 203 -26.62 16.57 36.43
C SER D 203 -26.36 15.62 37.57
N SER D 204 -26.88 14.40 37.46
CA SER D 204 -26.75 13.37 38.47
C SER D 204 -26.76 12.02 37.76
N PRO D 205 -26.25 10.97 38.39
CA PRO D 205 -26.29 9.64 37.76
C PRO D 205 -27.68 9.29 37.25
N VAL D 206 -27.73 8.78 36.02
CA VAL D 206 -28.95 8.27 35.41
C VAL D 206 -29.00 6.77 35.64
N THR D 207 -30.18 6.25 35.91
CA THR D 207 -30.38 4.80 36.07
C THR D 207 -31.46 4.34 35.12
N LYS D 208 -31.16 3.28 34.36
CA LYS D 208 -32.17 2.54 33.62
C LYS D 208 -32.31 1.17 34.26
N SER D 209 -33.54 0.72 34.42
CA SER D 209 -33.79 -0.52 35.15
C SER D 209 -34.95 -1.27 34.52
N PHE D 210 -35.00 -2.57 34.80
CA PHE D 210 -36.19 -3.36 34.53
C PHE D 210 -36.40 -4.33 35.68
N ASN D 211 -37.63 -4.81 35.80
CA ASN D 211 -37.99 -5.84 36.77
C ASN D 211 -38.17 -7.14 36.00
N ARG D 212 -37.46 -8.18 36.42
CA ARG D 212 -37.36 -9.40 35.63
C ARG D 212 -38.74 -9.95 35.32
N GLY D 213 -39.02 -10.17 34.04
CA GLY D 213 -40.31 -10.67 33.59
C GLY D 213 -41.48 -9.76 33.90
N GLU D 214 -41.52 -8.58 33.29
CA GLU D 214 -42.68 -7.72 33.38
C GLU D 214 -42.99 -7.03 32.05
N PRO E 5 50.29 -6.25 -33.01
CA PRO E 5 49.13 -6.95 -32.43
C PRO E 5 49.07 -6.98 -30.88
N SER E 6 47.97 -7.53 -30.36
CA SER E 6 47.67 -7.61 -28.92
C SER E 6 46.45 -8.50 -28.71
N LYS E 7 46.53 -9.46 -27.79
N LYS E 7 46.52 -9.42 -27.75
CA LYS E 7 45.49 -10.49 -27.75
CA LYS E 7 45.52 -10.46 -27.59
C LYS E 7 44.26 -9.98 -27.01
C LYS E 7 44.24 -9.91 -26.98
N ARG E 8 43.10 -10.16 -27.64
CA ARG E 8 41.82 -9.80 -27.04
C ARG E 8 41.59 -10.57 -25.75
N SER E 9 41.99 -11.84 -25.74
CA SER E 9 41.91 -12.63 -24.52
C SER E 9 42.67 -11.95 -23.38
N PHE E 10 43.86 -11.43 -23.66
CA PHE E 10 44.66 -10.80 -22.61
C PHE E 10 43.99 -9.52 -22.10
N ILE E 11 43.59 -8.65 -23.01
CA ILE E 11 43.05 -7.34 -22.63
C ILE E 11 41.69 -7.49 -21.95
N GLU E 12 40.86 -8.41 -22.43
CA GLU E 12 39.53 -8.59 -21.84
C GLU E 12 39.62 -9.26 -20.48
N ASP E 13 40.54 -10.19 -20.30
CA ASP E 13 40.74 -10.78 -18.98
C ASP E 13 41.00 -9.69 -17.94
N LEU E 14 41.91 -8.76 -18.24
CA LEU E 14 42.17 -7.65 -17.32
C LEU E 14 40.95 -6.75 -17.14
N LEU E 15 40.20 -6.52 -18.23
CA LEU E 15 39.06 -5.61 -18.18
C LEU E 15 37.96 -6.16 -17.29
N PHE E 16 37.61 -7.43 -17.47
CA PHE E 16 36.56 -8.07 -16.68
C PHE E 16 37.03 -8.51 -15.29
N ASN E 17 38.33 -8.47 -14.98
CA ASN E 17 38.77 -9.03 -13.71
C ASN E 17 39.61 -8.04 -12.91
N LYS E 18 39.37 -6.75 -13.11
CA LYS E 18 40.14 -5.72 -12.40
C LYS E 18 39.42 -5.31 -11.12
N VAL E 19 40.23 -4.92 -10.12
CA VAL E 19 39.74 -4.58 -8.79
C VAL E 19 39.29 -3.11 -8.71
N LYS F 4 32.51 4.93 2.03
CA LYS F 4 33.96 5.09 1.99
C LYS F 4 34.58 4.45 3.24
N PRO F 5 33.83 4.44 4.40
CA PRO F 5 34.13 3.44 5.45
C PRO F 5 34.32 2.02 4.88
N SER F 6 34.93 1.13 5.68
CA SER F 6 35.40 -0.18 5.21
C SER F 6 34.73 -1.31 5.98
N LYS F 7 34.57 -2.46 5.28
CA LYS F 7 33.81 -3.65 5.65
C LYS F 7 32.66 -3.44 6.64
N ARG F 8 31.44 -3.54 6.11
CA ARG F 8 30.26 -3.45 6.96
C ARG F 8 30.20 -4.59 7.97
N SER F 9 30.51 -5.82 7.54
CA SER F 9 30.39 -6.98 8.42
C SER F 9 31.30 -6.86 9.64
N PHE F 10 32.46 -6.24 9.49
CA PHE F 10 33.35 -6.10 10.63
C PHE F 10 32.79 -5.10 11.62
N ILE F 11 32.33 -3.95 11.12
CA ILE F 11 31.74 -2.93 11.98
C ILE F 11 30.50 -3.45 12.67
N GLU F 12 29.71 -4.26 11.96
CA GLU F 12 28.46 -4.74 12.56
C GLU F 12 28.70 -5.87 13.56
N ASP F 13 29.74 -6.67 13.35
CA ASP F 13 30.17 -7.62 14.38
C ASP F 13 30.49 -6.89 15.69
N LEU F 14 31.23 -5.79 15.61
CA LEU F 14 31.55 -5.04 16.82
C LEU F 14 30.30 -4.48 17.47
N LEU F 15 29.42 -3.88 16.65
CA LEU F 15 28.20 -3.27 17.16
C LEU F 15 27.36 -4.29 17.92
N PHE F 16 27.06 -5.43 17.29
CA PHE F 16 26.25 -6.44 17.95
C PHE F 16 26.94 -7.10 19.14
N ASN F 17 28.25 -6.94 19.30
CA ASN F 17 28.95 -7.58 20.39
C ASN F 17 29.43 -6.61 21.48
N LYS F 18 29.21 -5.30 21.33
CA LYS F 18 29.91 -4.36 22.20
C LYS F 18 29.41 -4.42 23.65
N VAL F 19 28.14 -4.77 23.87
CA VAL F 19 27.65 -4.92 25.24
C VAL F 19 28.31 -6.11 25.92
N THR F 20 28.37 -7.23 25.21
CA THR F 20 29.09 -8.42 25.68
C THR F 20 30.54 -8.08 26.00
N LEU F 21 31.21 -7.39 25.08
CA LEU F 21 32.62 -7.05 25.26
C LEU F 21 32.81 -6.07 26.41
N ALA F 22 31.88 -5.12 26.58
CA ALA F 22 32.01 -4.17 27.67
C ALA F 22 31.95 -4.87 29.03
N ASP F 23 31.08 -5.89 29.17
CA ASP F 23 30.96 -6.60 30.44
C ASP F 23 32.27 -7.29 30.83
N ALA F 24 33.05 -7.75 29.84
CA ALA F 24 34.32 -8.41 30.10
C ALA F 24 35.46 -7.42 30.43
N GLY F 25 35.17 -6.14 30.60
CA GLY F 25 36.26 -5.24 30.96
C GLY F 25 36.11 -3.87 30.35
N PHE F 26 35.02 -3.19 30.73
CA PHE F 26 34.73 -1.81 30.33
C PHE F 26 34.73 -1.66 28.81
CA CA G . 35.78 -14.73 -24.24
CA CA H . 20.98 0.57 -14.97
P PO4 I . 28.45 0.79 -35.45
O1 PO4 I . 27.00 0.68 -35.90
O2 PO4 I . 28.70 -0.36 -34.51
O3 PO4 I . 29.44 0.62 -36.61
O4 PO4 I . 28.62 2.15 -34.80
CA CA J . 9.90 -1.93 23.29
P PO4 K . 15.37 7.56 4.23
O1 PO4 K . 13.93 7.30 3.73
O2 PO4 K . 15.20 8.36 5.51
O3 PO4 K . 15.94 6.15 4.31
O4 PO4 K . 16.16 8.41 3.26
#